data_8OZN
#
_entry.id   8OZN
#
_cell.length_a   1.00
_cell.length_b   1.00
_cell.length_c   1.00
_cell.angle_alpha   90.00
_cell.angle_beta   90.00
_cell.angle_gamma   90.00
#
_symmetry.space_group_name_H-M   'P 1'
#
_entity_poly.entity_id   1
_entity_poly.type   'polypeptide(L)'
_entity_poly.pdbx_seq_one_letter_code
;MASGSNVEEYELDVEALVVILRDRNIPRNPLHGEVIGLRLTEGWWGQIERFQMVRLILQNDDNEPLQRPRYEVIQRAVNP
HTMFMISGPLAELQLAFQDLDLPEGPLRFGPLANGHYVQGDPYSSSYRPVTMAETAQMTRDELEDVLNTQSEIEIQMINL
LELYEVETRALRRQLAERSSTGQGGISPGAPRSRPPVSSFSGLPSLPSIPGIHPRAPSPPRATSTPGNIPWSLGDDNPPS
SSFPGPSQPRVSFHPGNPFVEEEGHRPRSQSRERRREILPAPVPSAPPMIQYIPVPPPPPIGTVIPIQHIRSVTGEPPRN
PREIPIWLGRNAPAIDGVFPVTTPDLRCRIINAILGGNIGLSLTPGDCLTWDSAVATLFIRTHGTFPMHQLGNVIKGIVD
QEGVATAYTLGMMLSGQNYQLVSGIIRGYLPGQAVVTALQQRLDQEIDDQTRAETFIQHLNAVYEILGLNARGQSIRASV
TPQPRPSRGRGRGQNTSRPSQGPANSGRGRQRPASGQSNRGSSTQNQNQDNLNQGGYNLRPRTYQPQRYGGGRGRRWNDN
TNNQESRPSDQGSQTPRPNQAGSGVRGNQSQTPRPAAGRGGRGNHNRNQRSSGAGDSRAVNTVTQSATSSTDESSSAVTA
ASGGDQRD
;
_entity_poly.pdbx_strand_id   H,I,J,K,L,M
#
# COMPACT_ATOMS: atom_id res chain seq x y z
N THR A 303 -16.02 13.88 1.56
CA THR A 303 -14.70 13.27 1.89
C THR A 303 -14.60 11.82 1.41
N VAL A 304 -13.44 11.18 1.58
CA VAL A 304 -13.23 9.71 1.35
C VAL A 304 -13.49 8.99 2.67
N ILE A 305 -14.48 8.10 2.71
CA ILE A 305 -14.70 7.20 3.89
C ILE A 305 -13.58 6.15 3.92
N PRO A 306 -13.00 5.79 5.11
CA PRO A 306 -11.90 4.81 5.17
C PRO A 306 -12.32 3.37 4.84
N ILE A 307 -12.62 3.06 3.59
CA ILE A 307 -13.25 1.74 3.25
C ILE A 307 -12.25 0.61 3.49
N GLN A 308 -10.95 0.92 3.51
CA GLN A 308 -9.84 0.00 3.84
C GLN A 308 -9.99 -0.60 5.26
N HIS A 309 -10.18 0.27 6.26
CA HIS A 309 -10.20 -0.07 7.70
C HIS A 309 -11.54 -0.70 8.03
N ILE A 310 -12.64 -0.13 7.53
CA ILE A 310 -14.00 -0.65 7.82
C ILE A 310 -14.14 -2.05 7.23
N ARG A 311 -13.43 -2.38 6.16
CA ARG A 311 -13.62 -3.71 5.53
C ARG A 311 -12.70 -4.74 6.17
N SER A 312 -11.79 -4.31 7.06
CA SER A 312 -10.82 -5.21 7.74
C SER A 312 -11.56 -5.90 8.88
N VAL A 313 -12.24 -5.08 9.67
CA VAL A 313 -13.08 -5.48 10.84
C VAL A 313 -14.26 -6.31 10.36
N THR A 314 -15.01 -5.82 9.38
CA THR A 314 -16.37 -6.28 9.03
C THR A 314 -16.31 -7.66 8.36
N GLY A 315 -15.35 -7.85 7.48
CA GLY A 315 -15.20 -9.10 6.72
C GLY A 315 -16.04 -9.09 5.46
N GLU A 316 -16.04 -10.20 4.72
CA GLU A 316 -16.72 -10.32 3.41
C GLU A 316 -18.21 -10.60 3.63
N PRO A 317 -19.14 -9.92 2.93
CA PRO A 317 -20.57 -10.23 3.07
C PRO A 317 -20.95 -11.63 2.59
N PRO A 318 -21.95 -12.29 3.22
CA PRO A 318 -22.36 -13.64 2.83
C PRO A 318 -23.02 -13.68 1.45
N ARG A 319 -22.81 -14.76 0.71
CA ARG A 319 -23.23 -14.88 -0.72
C ARG A 319 -24.75 -15.04 -0.78
N ASN A 320 -25.28 -15.94 0.04
CA ASN A 320 -26.74 -16.14 0.28
C ASN A 320 -27.37 -14.82 0.72
N PRO A 321 -28.38 -14.28 0.01
CA PRO A 321 -28.83 -12.93 0.28
C PRO A 321 -29.82 -12.81 1.45
N ARG A 322 -30.31 -13.92 2.02
CA ARG A 322 -31.26 -13.86 3.16
C ARG A 322 -30.48 -13.91 4.46
N GLU A 323 -29.13 -13.95 4.40
CA GLU A 323 -28.25 -13.83 5.59
C GLU A 323 -27.83 -12.39 5.80
N ILE A 324 -27.80 -11.58 4.75
CA ILE A 324 -27.26 -10.18 4.75
C ILE A 324 -27.88 -9.38 5.89
N PRO A 325 -29.21 -9.24 6.02
CA PRO A 325 -29.80 -8.34 7.00
C PRO A 325 -29.32 -8.61 8.44
N ILE A 326 -29.23 -9.86 8.88
CA ILE A 326 -28.65 -10.16 10.23
C ILE A 326 -27.14 -9.95 10.27
N TRP A 327 -26.42 -10.12 9.16
CA TRP A 327 -24.96 -9.89 9.14
C TRP A 327 -24.70 -8.39 9.43
N LEU A 328 -25.37 -7.53 8.68
CA LEU A 328 -25.25 -6.06 8.83
C LEU A 328 -25.66 -5.66 10.25
N GLY A 329 -26.73 -6.26 10.76
CA GLY A 329 -27.22 -5.98 12.12
C GLY A 329 -26.12 -6.20 13.15
N ARG A 330 -25.40 -7.33 13.05
CA ARG A 330 -24.43 -7.71 14.10
C ARG A 330 -23.07 -7.06 13.85
N ASN A 331 -22.75 -6.57 12.64
CA ASN A 331 -21.46 -5.87 12.41
C ASN A 331 -21.62 -4.38 12.60
N ALA A 332 -22.86 -3.89 12.70
CA ALA A 332 -23.12 -2.44 12.82
C ALA A 332 -22.28 -1.84 13.91
N PRO A 333 -22.32 -2.37 15.16
CA PRO A 333 -21.60 -1.74 16.27
C PRO A 333 -20.09 -1.68 16.04
N ALA A 334 -19.51 -2.64 15.33
CA ALA A 334 -18.05 -2.67 15.11
C ALA A 334 -17.66 -1.58 14.13
N ILE A 335 -18.41 -1.42 13.03
CA ILE A 335 -18.21 -0.32 12.03
C ILE A 335 -18.22 0.99 12.81
N ASP A 336 -19.08 1.15 13.79
CA ASP A 336 -19.17 2.44 14.50
C ASP A 336 -17.89 2.62 15.31
N GLY A 337 -17.23 1.52 15.68
CA GLY A 337 -16.02 1.54 16.53
C GLY A 337 -14.81 2.11 15.82
N VAL A 338 -14.54 1.58 14.64
CA VAL A 338 -13.39 1.96 13.78
C VAL A 338 -13.59 3.40 13.37
N PHE A 339 -14.77 3.74 12.89
CA PHE A 339 -15.11 5.08 12.36
C PHE A 339 -16.51 5.46 12.81
N PRO A 340 -16.71 6.56 13.54
CA PRO A 340 -18.05 6.97 13.93
C PRO A 340 -18.90 7.50 12.75
N VAL A 341 -19.96 6.75 12.44
CA VAL A 341 -21.03 7.13 11.47
C VAL A 341 -21.96 8.09 12.21
N THR A 342 -22.23 9.26 11.62
CA THR A 342 -23.02 10.36 12.24
C THR A 342 -24.30 10.65 11.43
N THR A 343 -24.17 11.36 10.32
CA THR A 343 -25.27 11.70 9.37
C THR A 343 -25.82 10.44 8.73
N PRO A 344 -27.12 10.43 8.33
CA PRO A 344 -27.70 9.32 7.57
C PRO A 344 -26.98 9.14 6.21
N ASP A 345 -26.69 10.24 5.52
CA ASP A 345 -25.90 10.25 4.28
C ASP A 345 -24.79 9.20 4.39
N LEU A 346 -23.90 9.36 5.38
CA LEU A 346 -22.70 8.50 5.57
C LEU A 346 -23.11 7.04 5.78
N ARG A 347 -24.23 6.79 6.46
CA ARG A 347 -24.62 5.40 6.75
C ARG A 347 -24.85 4.70 5.39
N CYS A 348 -25.60 5.35 4.49
CA CYS A 348 -25.85 4.88 3.10
C CYS A 348 -24.53 4.60 2.34
N ARG A 349 -23.61 5.57 2.41
CA ARG A 349 -22.28 5.47 1.77
C ARG A 349 -21.55 4.25 2.26
N ILE A 350 -21.55 3.97 3.56
CA ILE A 350 -20.79 2.78 4.05
C ILE A 350 -21.58 1.53 3.69
N ILE A 351 -22.90 1.47 3.95
CA ILE A 351 -23.69 0.24 3.62
C ILE A 351 -23.46 -0.09 2.16
N ASN A 352 -23.59 0.89 1.26
CA ASN A 352 -23.52 0.60 -0.19
C ASN A 352 -22.13 0.10 -0.62
N ALA A 353 -21.08 0.77 -0.14
CA ALA A 353 -19.69 0.42 -0.49
C ALA A 353 -19.33 -0.92 0.15
N ILE A 354 -19.85 -1.29 1.34
CA ILE A 354 -19.62 -2.67 1.88
C ILE A 354 -20.29 -3.72 0.98
N LEU A 355 -21.61 -3.66 0.80
CA LEU A 355 -22.38 -4.76 0.13
C LEU A 355 -21.81 -5.07 -1.28
N GLY A 356 -21.55 -4.07 -2.13
CA GLY A 356 -20.49 -4.16 -3.15
C GLY A 356 -20.94 -4.45 -4.59
N GLY A 357 -22.19 -4.17 -4.95
CA GLY A 357 -22.61 -4.12 -6.37
C GLY A 357 -23.08 -5.46 -6.89
N ASN A 358 -22.29 -6.52 -6.74
CA ASN A 358 -22.55 -7.84 -7.36
C ASN A 358 -23.65 -8.59 -6.61
N ILE A 359 -24.04 -8.13 -5.42
CA ILE A 359 -25.27 -8.63 -4.73
C ILE A 359 -26.49 -7.88 -5.30
N GLY A 360 -26.45 -6.54 -5.37
CA GLY A 360 -27.46 -5.71 -6.09
C GLY A 360 -28.51 -5.08 -5.19
N LEU A 361 -28.40 -5.19 -3.86
CA LEU A 361 -29.28 -4.46 -2.90
C LEU A 361 -28.57 -3.16 -2.53
N SER A 362 -29.15 -2.01 -2.85
CA SER A 362 -28.58 -0.68 -2.53
C SER A 362 -29.58 0.10 -1.67
N LEU A 363 -29.13 1.11 -0.93
CA LEU A 363 -30.06 1.96 -0.15
C LEU A 363 -29.96 3.41 -0.58
N THR A 364 -30.98 4.18 -0.26
CA THR A 364 -31.00 5.66 -0.42
C THR A 364 -30.68 6.29 0.93
N PRO A 365 -30.45 7.61 1.01
CA PRO A 365 -30.29 8.27 2.29
C PRO A 365 -31.52 8.15 3.19
N GLY A 366 -32.73 8.15 2.61
CA GLY A 366 -34.02 8.06 3.37
C GLY A 366 -34.06 6.82 4.27
N ASP A 367 -33.74 5.65 3.69
CA ASP A 367 -33.83 4.32 4.33
C ASP A 367 -32.76 4.15 5.42
N CYS A 368 -31.86 5.10 5.61
CA CYS A 368 -30.74 5.00 6.59
C CYS A 368 -30.82 6.15 7.58
N LEU A 369 -31.96 6.38 8.23
CA LEU A 369 -32.03 7.31 9.37
C LEU A 369 -31.22 6.76 10.56
N THR A 370 -31.43 5.50 10.89
CA THR A 370 -30.70 4.76 11.96
C THR A 370 -30.46 3.32 11.51
N TRP A 371 -29.43 2.67 12.08
CA TRP A 371 -29.02 1.28 11.72
C TRP A 371 -30.24 0.34 11.64
N ASP A 372 -31.25 0.59 12.47
CA ASP A 372 -32.46 -0.24 12.58
C ASP A 372 -33.37 -0.05 11.37
N SER A 373 -33.47 1.15 10.81
CA SER A 373 -34.28 1.36 9.58
C SER A 373 -33.59 0.66 8.40
N ALA A 374 -32.27 0.81 8.31
CA ALA A 374 -31.39 0.10 7.35
C ALA A 374 -31.57 -1.43 7.46
N VAL A 375 -31.52 -2.02 8.68
CA VAL A 375 -31.62 -3.51 8.84
C VAL A 375 -33.04 -3.94 8.54
N ALA A 376 -34.04 -3.09 8.71
CA ALA A 376 -35.43 -3.46 8.39
C ALA A 376 -35.60 -3.61 6.90
N THR A 377 -35.11 -2.60 6.17
CA THR A 377 -35.31 -2.43 4.72
C THR A 377 -34.73 -3.63 3.98
N LEU A 378 -33.49 -4.01 4.28
CA LEU A 378 -32.86 -5.15 3.60
C LEU A 378 -33.57 -6.45 3.94
N PHE A 379 -34.11 -6.62 5.15
CA PHE A 379 -34.97 -7.77 5.52
C PHE A 379 -36.14 -7.90 4.53
N ILE A 380 -36.83 -6.79 4.25
CA ILE A 380 -38.11 -6.82 3.48
C ILE A 380 -37.83 -7.12 2.01
N ARG A 381 -36.65 -6.73 1.51
CA ARG A 381 -36.27 -6.94 0.10
C ARG A 381 -35.75 -8.34 -0.12
N THR A 382 -35.17 -8.95 0.90
CA THR A 382 -34.49 -10.24 0.76
C THR A 382 -35.42 -11.37 1.23
N HIS A 383 -36.26 -11.17 2.24
CA HIS A 383 -37.16 -12.24 2.74
C HIS A 383 -38.57 -12.07 2.18
N GLY A 384 -38.98 -10.84 1.93
CA GLY A 384 -40.31 -10.62 1.33
C GLY A 384 -41.40 -10.39 2.35
N THR A 385 -41.29 -10.90 3.56
CA THR A 385 -42.24 -10.58 4.66
C THR A 385 -41.62 -9.53 5.57
N PHE A 386 -42.41 -8.92 6.46
CA PHE A 386 -41.92 -7.95 7.48
C PHE A 386 -41.09 -8.71 8.51
N PRO A 387 -40.26 -8.01 9.32
CA PRO A 387 -39.56 -8.67 10.42
C PRO A 387 -40.47 -9.23 11.52
N MET A 388 -41.59 -8.55 11.85
CA MET A 388 -42.50 -8.93 12.96
C MET A 388 -43.47 -10.05 12.61
N HIS A 389 -43.49 -10.53 11.36
CA HIS A 389 -44.33 -11.66 10.93
C HIS A 389 -43.95 -12.93 11.67
N GLN A 390 -42.67 -13.14 11.91
CA GLN A 390 -42.19 -14.33 12.65
C GLN A 390 -40.99 -13.97 13.53
N LEU A 391 -41.16 -13.20 14.61
CA LEU A 391 -40.01 -12.70 15.40
C LEU A 391 -39.42 -13.79 16.27
N GLY A 392 -40.28 -14.66 16.73
CA GLY A 392 -39.86 -15.75 17.61
C GLY A 392 -39.07 -16.83 16.88
N ASN A 393 -39.01 -16.82 15.55
CA ASN A 393 -38.23 -17.85 14.86
C ASN A 393 -36.90 -17.24 14.47
N VAL A 394 -36.84 -15.95 14.12
CA VAL A 394 -35.53 -15.32 13.80
C VAL A 394 -34.73 -15.24 15.11
N ILE A 395 -35.38 -14.97 16.26
CA ILE A 395 -34.62 -14.76 17.52
C ILE A 395 -34.11 -16.11 17.97
N LYS A 396 -34.87 -17.18 17.82
CA LYS A 396 -34.42 -18.55 18.17
C LYS A 396 -33.24 -18.92 17.26
N GLY A 397 -33.28 -18.52 16.02
CA GLY A 397 -32.24 -18.89 15.05
C GLY A 397 -30.90 -18.23 15.30
N ILE A 398 -30.85 -17.10 16.00
CA ILE A 398 -29.58 -16.43 16.38
C ILE A 398 -29.11 -17.00 17.73
N VAL A 399 -30.01 -17.41 18.61
CA VAL A 399 -29.56 -17.93 19.93
C VAL A 399 -28.93 -19.28 19.70
N ASP A 400 -28.99 -19.86 18.51
CA ASP A 400 -28.44 -21.22 18.29
C ASP A 400 -27.02 -21.16 17.72
N GLN A 401 -26.54 -19.96 17.41
CA GLN A 401 -25.41 -19.75 16.49
C GLN A 401 -24.56 -18.56 16.97
N GLU A 402 -25.12 -17.58 17.67
CA GLU A 402 -24.25 -16.54 18.29
C GLU A 402 -24.49 -16.42 19.80
N GLY A 403 -25.51 -17.09 20.37
CA GLY A 403 -25.87 -16.98 21.81
C GLY A 403 -26.83 -15.83 22.17
N VAL A 404 -27.26 -15.75 23.43
CA VAL A 404 -28.42 -14.91 23.85
C VAL A 404 -28.08 -13.47 23.62
N ALA A 405 -26.82 -13.12 23.85
CA ALA A 405 -26.36 -11.71 23.99
C ALA A 405 -26.54 -10.96 22.67
N THR A 406 -26.05 -11.55 21.58
CA THR A 406 -26.30 -11.05 20.21
C THR A 406 -27.81 -10.96 19.96
N ALA A 407 -28.51 -12.09 20.00
CA ALA A 407 -29.97 -12.19 19.76
C ALA A 407 -30.77 -11.04 20.43
N TYR A 408 -30.52 -10.70 21.69
CA TYR A 408 -31.16 -9.54 22.34
C TYR A 408 -30.88 -8.27 21.55
N THR A 409 -29.62 -7.93 21.29
CA THR A 409 -29.30 -6.59 20.71
C THR A 409 -29.91 -6.50 19.31
N LEU A 410 -29.84 -7.59 18.58
CA LEU A 410 -30.33 -7.70 17.21
C LEU A 410 -31.85 -7.81 17.21
N GLY A 411 -32.44 -8.51 18.16
CA GLY A 411 -33.90 -8.67 18.30
C GLY A 411 -34.57 -7.38 18.72
N MET A 412 -33.85 -6.49 19.36
CA MET A 412 -34.43 -5.17 19.64
C MET A 412 -34.30 -4.25 18.43
N MET A 413 -33.25 -4.37 17.61
CA MET A 413 -33.23 -3.67 16.28
C MET A 413 -34.50 -4.00 15.47
N LEU A 414 -34.71 -5.30 15.18
CA LEU A 414 -35.76 -5.80 14.28
C LEU A 414 -37.15 -5.57 14.87
N SER A 415 -37.28 -5.30 16.17
CA SER A 415 -38.59 -5.24 16.86
C SER A 415 -39.01 -3.79 17.06
N GLY A 416 -38.13 -2.86 16.71
CA GLY A 416 -38.29 -1.43 16.97
C GLY A 416 -38.22 -1.13 18.46
N GLN A 417 -37.22 -1.69 19.14
CA GLN A 417 -36.85 -1.34 20.54
C GLN A 417 -38.05 -1.60 21.45
N ASN A 418 -38.80 -2.68 21.19
CA ASN A 418 -39.86 -3.18 22.10
C ASN A 418 -39.16 -4.04 23.15
N TYR A 419 -39.20 -3.69 24.44
CA TYR A 419 -38.43 -4.42 25.46
C TYR A 419 -39.28 -5.55 26.02
N GLN A 420 -40.53 -5.24 26.32
CA GLN A 420 -41.40 -6.15 27.11
C GLN A 420 -41.65 -7.40 26.29
N LEU A 421 -41.45 -7.34 24.95
CA LEU A 421 -41.58 -8.51 24.04
C LEU A 421 -40.25 -9.21 23.88
N VAL A 422 -39.25 -8.50 23.43
CA VAL A 422 -37.95 -9.16 23.16
C VAL A 422 -37.46 -9.79 24.47
N SER A 423 -37.75 -9.22 25.64
CA SER A 423 -37.28 -9.81 26.91
C SER A 423 -38.01 -11.14 27.12
N GLY A 424 -39.34 -11.08 27.04
CA GLY A 424 -40.22 -12.26 27.07
C GLY A 424 -39.79 -13.35 26.10
N ILE A 425 -39.38 -13.02 24.88
CA ILE A 425 -38.97 -14.14 23.98
C ILE A 425 -37.62 -14.71 24.46
N ILE A 426 -36.64 -13.86 24.76
CA ILE A 426 -35.30 -14.34 25.17
C ILE A 426 -35.45 -15.19 26.43
N ARG A 427 -36.29 -14.77 27.37
CA ARG A 427 -36.46 -15.47 28.67
C ARG A 427 -36.77 -16.95 28.48
N GLY A 428 -37.39 -17.32 27.37
CA GLY A 428 -37.69 -18.73 27.06
C GLY A 428 -36.49 -19.54 26.57
N TYR A 429 -35.46 -18.90 26.00
CA TYR A 429 -34.32 -19.60 25.36
C TYR A 429 -33.03 -19.50 26.19
N LEU A 430 -33.08 -18.85 27.36
CA LEU A 430 -31.94 -18.85 28.30
C LEU A 430 -31.60 -20.27 28.72
N PRO A 431 -30.30 -20.55 28.94
CA PRO A 431 -29.81 -21.90 29.19
C PRO A 431 -29.79 -22.32 30.66
N GLY A 432 -30.91 -22.90 31.09
CA GLY A 432 -31.05 -23.38 32.48
C GLY A 432 -32.13 -22.63 33.22
N GLN A 433 -32.64 -23.26 34.26
CA GLN A 433 -33.80 -22.79 35.03
C GLN A 433 -33.34 -21.75 36.04
N ALA A 434 -32.04 -21.75 36.27
CA ALA A 434 -31.40 -21.11 37.42
C ALA A 434 -30.83 -19.78 36.97
N VAL A 435 -30.22 -19.74 35.77
CA VAL A 435 -29.94 -18.49 35.00
C VAL A 435 -31.23 -17.66 34.90
N VAL A 436 -32.36 -18.23 34.48
CA VAL A 436 -33.57 -17.42 34.27
C VAL A 436 -33.85 -16.65 35.55
N THR A 437 -33.86 -17.36 36.65
CA THR A 437 -34.29 -16.75 37.93
C THR A 437 -33.25 -15.73 38.37
N ALA A 438 -31.99 -16.08 38.30
CA ALA A 438 -30.89 -15.15 38.66
C ALA A 438 -31.04 -13.88 37.86
N LEU A 439 -31.13 -14.00 36.54
CA LEU A 439 -31.10 -12.80 35.66
C LEU A 439 -32.25 -11.87 36.09
N GLN A 440 -33.46 -12.40 36.18
CA GLN A 440 -34.66 -11.65 36.60
C GLN A 440 -34.44 -10.91 37.93
N GLN A 441 -33.85 -11.55 38.93
CA GLN A 441 -33.55 -10.86 40.22
C GLN A 441 -32.86 -9.51 39.98
N ARG A 442 -31.82 -9.48 39.16
CA ARG A 442 -30.99 -8.26 38.97
C ARG A 442 -31.78 -7.19 38.18
N LEU A 443 -32.50 -7.59 37.12
CA LEU A 443 -33.36 -6.69 36.30
C LEU A 443 -34.58 -6.21 37.09
N ASP A 444 -34.69 -6.51 38.39
CA ASP A 444 -35.81 -6.03 39.24
C ASP A 444 -35.32 -4.94 40.20
N GLN A 445 -34.01 -4.82 40.39
CA GLN A 445 -33.40 -3.78 41.26
C GLN A 445 -33.39 -2.44 40.52
N GLU A 446 -33.16 -2.48 39.19
CA GLU A 446 -33.25 -1.30 38.30
C GLU A 446 -34.70 -0.79 38.36
N ILE A 447 -34.92 0.50 38.10
CA ILE A 447 -36.24 1.17 38.32
C ILE A 447 -37.12 1.02 37.07
N ASP A 448 -36.84 1.78 36.01
CA ASP A 448 -37.70 1.86 34.81
C ASP A 448 -37.40 0.68 33.88
N ASP A 449 -38.42 0.25 33.16
CA ASP A 449 -38.33 -0.72 32.03
C ASP A 449 -37.40 -0.18 30.95
N GLN A 450 -36.98 1.09 31.03
CA GLN A 450 -35.92 1.66 30.17
C GLN A 450 -34.55 1.32 30.75
N THR A 451 -34.33 1.55 32.04
CA THR A 451 -33.01 1.33 32.67
C THR A 451 -32.69 -0.16 32.56
N ARG A 452 -33.72 -1.00 32.63
CA ARG A 452 -33.59 -2.46 32.41
C ARG A 452 -33.07 -2.74 31.01
N ALA A 453 -33.50 -1.98 30.02
CA ALA A 453 -33.20 -2.25 28.60
C ALA A 453 -31.79 -1.78 28.27
N GLU A 454 -31.18 -0.97 29.13
CA GLU A 454 -29.81 -0.45 28.91
C GLU A 454 -28.80 -1.26 29.74
N THR A 455 -29.26 -2.14 30.63
CA THR A 455 -28.38 -2.89 31.57
C THR A 455 -28.55 -4.38 31.38
N PHE A 456 -29.49 -4.79 30.55
CA PHE A 456 -29.81 -6.22 30.38
C PHE A 456 -28.52 -6.97 30.04
N ILE A 457 -27.61 -6.48 29.19
CA ILE A 457 -26.45 -7.34 28.82
C ILE A 457 -25.40 -7.31 29.93
N GLN A 458 -25.27 -6.21 30.68
CA GLN A 458 -24.45 -6.17 31.93
C GLN A 458 -24.85 -7.37 32.80
N HIS A 459 -26.06 -7.34 33.33
CA HIS A 459 -26.55 -8.36 34.28
C HIS A 459 -26.35 -9.77 33.71
N LEU A 460 -26.76 -10.01 32.47
CA LEU A 460 -26.73 -11.37 31.88
C LEU A 460 -25.25 -11.84 31.90
N ASN A 461 -24.30 -10.96 31.61
CA ASN A 461 -22.88 -11.37 31.59
C ASN A 461 -22.37 -11.51 33.03
N ALA A 462 -23.00 -10.90 34.02
CA ALA A 462 -22.63 -11.12 35.44
C ALA A 462 -22.98 -12.56 35.82
N VAL A 463 -24.23 -12.94 35.61
CA VAL A 463 -24.76 -14.28 35.95
C VAL A 463 -23.93 -15.32 35.23
N TYR A 464 -23.61 -15.18 33.95
CA TYR A 464 -22.87 -16.27 33.24
C TYR A 464 -21.50 -16.49 33.88
N GLU A 465 -20.90 -15.43 34.44
CA GLU A 465 -19.58 -15.48 35.14
C GLU A 465 -19.67 -16.38 36.38
N ILE A 466 -20.66 -16.14 37.24
CA ILE A 466 -20.85 -16.84 38.54
C ILE A 466 -21.03 -18.32 38.29
N LEU A 467 -21.80 -18.67 37.28
CA LEU A 467 -22.10 -20.08 36.97
C LEU A 467 -20.98 -20.61 36.10
N GLY A 468 -20.13 -19.72 35.56
CA GLY A 468 -18.95 -20.13 34.78
C GLY A 468 -19.37 -20.75 33.44
N LEU A 469 -19.98 -19.93 32.61
CA LEU A 469 -20.36 -20.28 31.23
C LEU A 469 -19.67 -19.27 30.31
N ASN A 470 -19.39 -19.69 29.08
CA ASN A 470 -18.90 -18.75 28.03
C ASN A 470 -20.10 -17.96 27.52
N ALA A 471 -19.96 -17.22 26.41
CA ALA A 471 -21.07 -16.41 25.87
C ALA A 471 -21.96 -17.23 24.94
N ARG A 472 -21.47 -18.33 24.37
CA ARG A 472 -22.37 -19.22 23.60
C ARG A 472 -23.31 -19.94 24.54
N GLY A 473 -22.96 -20.05 25.83
CA GLY A 473 -23.84 -20.54 26.91
C GLY A 473 -23.43 -21.89 27.50
N GLN A 474 -22.42 -22.53 26.91
CA GLN A 474 -21.84 -23.82 27.37
C GLN A 474 -20.95 -23.57 28.58
N SER A 475 -20.46 -24.67 29.19
CA SER A 475 -19.65 -24.69 30.44
C SER A 475 -18.18 -24.47 30.11
N ILE A 476 -17.53 -23.49 30.75
CA ILE A 476 -16.13 -23.08 30.41
C ILE A 476 -15.15 -24.22 30.74
N ARG A 477 -15.57 -25.22 31.56
CA ARG A 477 -14.68 -26.28 32.11
C ARG A 477 -15.30 -27.65 31.93
N THR B 303 -7.05 17.21 -7.62
CA THR B 303 -7.66 16.00 -6.92
C THR B 303 -7.05 14.72 -7.46
N VAL B 304 -6.51 13.85 -6.61
CA VAL B 304 -6.04 12.52 -7.10
C VAL B 304 -7.11 11.48 -6.77
N ILE B 305 -7.52 10.70 -7.76
CA ILE B 305 -8.55 9.63 -7.64
C ILE B 305 -7.93 8.50 -6.83
N PRO B 306 -8.62 8.02 -5.76
CA PRO B 306 -8.15 6.88 -4.96
C PRO B 306 -8.37 5.53 -5.64
N ILE B 307 -7.67 5.25 -6.72
CA ILE B 307 -7.98 4.06 -7.55
C ILE B 307 -7.80 2.76 -6.75
N GLN B 308 -6.85 2.64 -5.83
CA GLN B 308 -6.61 1.34 -5.15
C GLN B 308 -7.86 0.92 -4.34
N HIS B 309 -8.62 1.86 -3.76
CA HIS B 309 -9.83 1.55 -2.94
C HIS B 309 -11.04 1.30 -3.84
N ILE B 310 -11.28 2.17 -4.83
CA ILE B 310 -12.41 2.01 -5.80
C ILE B 310 -12.32 0.66 -6.50
N ARG B 311 -11.14 0.05 -6.56
CA ARG B 311 -10.95 -1.23 -7.28
C ARG B 311 -11.02 -2.43 -6.35
N SER B 312 -11.18 -2.21 -5.06
CA SER B 312 -11.37 -3.30 -4.09
C SER B 312 -12.86 -3.46 -3.86
N VAL B 313 -13.53 -2.34 -3.69
CA VAL B 313 -15.01 -2.28 -3.55
C VAL B 313 -15.64 -2.94 -4.78
N THR B 314 -15.10 -2.63 -5.97
CA THR B 314 -15.74 -2.92 -7.28
C THR B 314 -15.33 -4.30 -7.78
N GLY B 315 -14.04 -4.48 -8.04
CA GLY B 315 -13.50 -5.76 -8.53
C GLY B 315 -12.83 -5.61 -9.89
N GLU B 316 -12.61 -6.73 -10.59
CA GLU B 316 -12.03 -6.72 -11.96
C GLU B 316 -13.18 -6.72 -12.95
N PRO B 317 -13.21 -5.83 -13.97
CA PRO B 317 -14.25 -5.88 -14.98
C PRO B 317 -14.23 -7.20 -15.76
N PRO B 318 -15.38 -7.65 -16.28
CA PRO B 318 -15.46 -8.86 -17.06
C PRO B 318 -14.53 -8.92 -18.27
N ARG B 319 -14.13 -10.14 -18.65
CA ARG B 319 -13.23 -10.42 -19.81
C ARG B 319 -13.95 -10.07 -21.13
N ASN B 320 -15.03 -10.79 -21.44
CA ASN B 320 -15.92 -10.49 -22.59
C ASN B 320 -16.29 -9.02 -22.57
N PRO B 321 -15.91 -8.18 -23.54
CA PRO B 321 -16.17 -6.73 -23.44
C PRO B 321 -17.63 -6.36 -23.69
N ARG B 322 -18.47 -7.30 -24.11
CA ARG B 322 -19.91 -7.05 -24.30
C ARG B 322 -20.63 -7.14 -22.95
N GLU B 323 -19.96 -7.57 -21.88
CA GLU B 323 -20.59 -7.59 -20.54
C GLU B 323 -20.16 -6.37 -19.73
N ILE B 324 -19.39 -5.46 -20.29
CA ILE B 324 -18.91 -4.29 -19.52
C ILE B 324 -20.01 -3.26 -19.32
N PRO B 325 -20.91 -2.94 -20.30
CA PRO B 325 -21.89 -1.86 -20.13
C PRO B 325 -22.82 -2.06 -18.93
N ILE B 326 -23.24 -3.30 -18.75
CA ILE B 326 -24.17 -3.70 -17.64
C ILE B 326 -23.41 -3.65 -16.31
N TRP B 327 -22.28 -4.32 -16.21
CA TRP B 327 -21.50 -4.43 -14.94
C TRP B 327 -21.20 -3.05 -14.37
N LEU B 328 -20.78 -2.12 -15.21
CA LEU B 328 -20.46 -0.75 -14.76
C LEU B 328 -21.73 -0.03 -14.29
N GLY B 329 -22.88 -0.42 -14.82
CA GLY B 329 -24.16 0.12 -14.34
C GLY B 329 -24.44 -0.24 -12.89
N ARG B 330 -24.31 -1.51 -12.55
CA ARG B 330 -24.72 -2.05 -11.23
C ARG B 330 -23.57 -1.96 -10.24
N ASN B 331 -22.47 -1.31 -10.58
CA ASN B 331 -21.38 -1.08 -9.62
C ASN B 331 -21.32 0.40 -9.28
N ALA B 332 -22.07 1.27 -9.94
CA ALA B 332 -21.97 2.74 -9.74
C ALA B 332 -22.24 3.16 -8.30
N PRO B 333 -23.25 2.59 -7.62
CA PRO B 333 -23.55 2.93 -6.23
C PRO B 333 -22.39 2.66 -5.28
N ALA B 334 -21.63 1.61 -5.52
CA ALA B 334 -20.41 1.31 -4.74
C ALA B 334 -19.34 2.38 -5.02
N ILE B 335 -19.08 2.73 -6.28
CA ILE B 335 -18.12 3.82 -6.65
C ILE B 335 -18.60 5.18 -6.11
N ASP B 336 -19.88 5.47 -6.05
CA ASP B 336 -20.35 6.71 -5.39
C ASP B 336 -20.28 6.58 -3.86
N GLY B 337 -20.00 5.39 -3.34
CA GLY B 337 -19.85 5.22 -1.89
C GLY B 337 -18.47 5.65 -1.48
N VAL B 338 -17.49 5.06 -2.14
CA VAL B 338 -16.06 5.23 -1.81
C VAL B 338 -15.62 6.66 -2.11
N PHE B 339 -16.23 7.34 -3.07
CA PHE B 339 -15.74 8.65 -3.55
C PHE B 339 -16.85 9.34 -4.31
N PRO B 340 -17.41 10.46 -3.82
CA PRO B 340 -18.57 11.04 -4.48
C PRO B 340 -18.23 11.82 -5.77
N VAL B 341 -18.55 11.19 -6.90
CA VAL B 341 -18.38 11.79 -8.25
C VAL B 341 -19.48 12.80 -8.42
N THR B 342 -19.13 14.07 -8.56
CA THR B 342 -20.10 15.19 -8.72
C THR B 342 -20.13 15.67 -10.18
N THR B 343 -18.99 16.11 -10.70
CA THR B 343 -18.83 16.65 -12.06
C THR B 343 -18.74 15.53 -13.10
N PRO B 344 -19.13 15.82 -14.36
CA PRO B 344 -18.77 15.01 -15.52
C PRO B 344 -17.28 14.73 -15.68
N ASP B 345 -16.47 15.74 -15.40
CA ASP B 345 -15.00 15.61 -15.55
C ASP B 345 -14.51 14.38 -14.75
N LEU B 346 -14.91 14.30 -13.48
CA LEU B 346 -14.48 13.20 -12.60
C LEU B 346 -15.00 11.87 -13.12
N ARG B 347 -16.25 11.82 -13.58
CA ARG B 347 -16.88 10.53 -13.92
C ARG B 347 -16.09 9.89 -15.06
N CYS B 348 -15.76 10.70 -16.05
CA CYS B 348 -14.85 10.36 -17.18
C CYS B 348 -13.55 9.72 -16.69
N ARG B 349 -12.86 10.40 -15.75
CA ARG B 349 -11.56 9.95 -15.17
C ARG B 349 -11.71 8.58 -14.52
N ILE B 350 -12.73 8.39 -13.71
CA ILE B 350 -12.86 7.12 -12.95
C ILE B 350 -13.05 5.97 -13.95
N ILE B 351 -13.89 6.12 -14.97
CA ILE B 351 -14.19 5.01 -15.92
C ILE B 351 -12.89 4.73 -16.72
N ASN B 352 -12.15 5.79 -17.09
CA ASN B 352 -10.88 5.65 -17.88
C ASN B 352 -9.85 4.84 -17.07
N ALA B 353 -9.81 5.02 -15.76
CA ALA B 353 -8.84 4.35 -14.89
C ALA B 353 -9.30 2.92 -14.62
N ILE B 354 -10.61 2.66 -14.45
CA ILE B 354 -11.12 1.29 -14.13
C ILE B 354 -10.88 0.37 -15.32
N LEU B 355 -11.32 0.77 -16.52
CA LEU B 355 -11.24 -0.10 -17.70
C LEU B 355 -9.79 -0.21 -18.16
N GLY B 356 -8.97 0.81 -17.96
CA GLY B 356 -7.50 0.65 -17.88
C GLY B 356 -6.82 0.91 -19.21
N GLY B 357 -5.80 0.11 -19.54
CA GLY B 357 -5.14 0.13 -20.85
C GLY B 357 -6.04 -0.53 -21.88
N ASN B 358 -7.01 0.23 -22.42
CA ASN B 358 -7.98 -0.22 -23.46
C ASN B 358 -8.50 1.00 -24.23
N ILE B 359 -7.58 1.80 -24.77
CA ILE B 359 -7.93 2.88 -25.75
C ILE B 359 -8.80 2.21 -26.80
N GLY B 360 -10.04 2.67 -26.94
CA GLY B 360 -11.08 1.92 -27.65
C GLY B 360 -12.35 1.85 -26.84
N LEU B 361 -12.25 1.75 -25.51
CA LEU B 361 -13.41 1.90 -24.61
C LEU B 361 -13.29 3.21 -23.82
N SER B 362 -12.44 4.14 -24.24
CA SER B 362 -12.13 5.35 -23.46
C SER B 362 -13.20 6.39 -23.71
N LEU B 363 -13.54 7.18 -22.70
CA LEU B 363 -14.66 8.15 -22.78
C LEU B 363 -14.09 9.57 -22.68
N THR B 364 -14.82 10.53 -23.18
CA THR B 364 -14.55 12.00 -23.09
C THR B 364 -15.41 12.51 -21.94
N PRO B 365 -15.20 13.69 -21.33
CA PRO B 365 -16.18 14.24 -20.41
C PRO B 365 -17.37 14.91 -21.08
N GLY B 366 -17.74 14.50 -22.30
CA GLY B 366 -18.97 14.91 -23.00
C GLY B 366 -20.06 13.87 -22.82
N ASP B 367 -19.73 12.61 -23.12
CA ASP B 367 -20.63 11.44 -22.97
C ASP B 367 -20.90 11.16 -21.48
N CYS B 368 -19.94 11.38 -20.59
CA CYS B 368 -20.00 10.99 -19.16
C CYS B 368 -20.68 12.08 -18.34
N LEU B 369 -21.95 12.29 -18.58
CA LEU B 369 -22.72 13.40 -18.01
C LEU B 369 -23.47 12.91 -16.76
N THR B 370 -24.11 11.75 -16.91
CA THR B 370 -24.74 10.94 -15.84
C THR B 370 -24.40 9.46 -16.08
N TRP B 371 -24.40 8.65 -15.02
CA TRP B 371 -23.95 7.25 -15.11
C TRP B 371 -24.70 6.55 -16.25
N ASP B 372 -25.99 6.86 -16.43
CA ASP B 372 -26.87 6.17 -17.41
C ASP B 372 -26.43 6.54 -18.83
N SER B 373 -25.87 7.74 -19.03
CA SER B 373 -25.46 8.22 -20.36
C SER B 373 -24.24 7.44 -20.83
N ALA B 374 -23.27 7.31 -19.93
CA ALA B 374 -21.99 6.63 -20.17
C ALA B 374 -22.24 5.13 -20.33
N VAL B 375 -23.22 4.55 -19.65
CA VAL B 375 -23.52 3.09 -19.82
C VAL B 375 -24.07 2.84 -21.20
N ALA B 376 -24.81 3.77 -21.80
CA ALA B 376 -25.37 3.58 -23.14
C ALA B 376 -24.27 3.71 -24.20
N THR B 377 -23.36 4.66 -23.98
CA THR B 377 -22.17 4.90 -24.84
C THR B 377 -21.33 3.63 -24.92
N LEU B 378 -20.94 3.08 -23.78
CA LEU B 378 -20.08 1.86 -23.75
C LEU B 378 -20.82 0.69 -24.38
N PHE B 379 -22.16 0.68 -24.32
CA PHE B 379 -23.05 -0.30 -24.99
C PHE B 379 -22.77 -0.31 -26.49
N ILE B 380 -22.91 0.87 -27.10
CA ILE B 380 -22.81 1.01 -28.58
C ILE B 380 -21.41 0.61 -29.02
N ARG B 381 -20.36 1.00 -28.28
CA ARG B 381 -18.97 0.61 -28.65
C ARG B 381 -18.82 -0.91 -28.66
N THR B 382 -19.44 -1.62 -27.74
CA THR B 382 -19.19 -3.07 -27.64
C THR B 382 -20.22 -3.84 -28.47
N HIS B 383 -21.36 -3.26 -28.87
CA HIS B 383 -22.43 -4.02 -29.60
C HIS B 383 -22.55 -3.60 -31.07
N GLY B 384 -22.47 -2.29 -31.32
CA GLY B 384 -22.40 -1.64 -32.64
C GLY B 384 -23.70 -0.97 -32.96
N THR B 385 -23.70 0.22 -33.54
CA THR B 385 -24.96 0.97 -33.80
C THR B 385 -25.87 0.04 -34.60
N PHE B 386 -27.18 0.03 -34.28
CA PHE B 386 -28.23 -0.83 -34.90
C PHE B 386 -29.33 0.07 -35.43
N PRO B 387 -30.12 -0.40 -36.43
CA PRO B 387 -31.22 0.39 -36.99
C PRO B 387 -32.47 0.36 -36.10
N MET B 388 -33.46 1.25 -36.35
CA MET B 388 -34.58 1.42 -35.40
C MET B 388 -35.42 0.15 -35.32
N HIS B 389 -35.59 -0.59 -36.40
CA HIS B 389 -36.47 -1.79 -36.39
C HIS B 389 -35.92 -2.88 -35.46
N GLN B 390 -34.69 -2.77 -35.00
CA GLN B 390 -34.12 -3.81 -34.13
C GLN B 390 -34.09 -3.39 -32.65
N LEU B 391 -34.78 -2.34 -32.26
CA LEU B 391 -34.83 -1.97 -30.83
C LEU B 391 -35.48 -3.11 -30.05
N GLY B 392 -36.61 -3.56 -30.59
CA GLY B 392 -37.38 -4.70 -30.07
C GLY B 392 -36.50 -5.76 -29.43
N ASN B 393 -35.53 -6.26 -30.17
CA ASN B 393 -34.73 -7.43 -29.76
C ASN B 393 -33.70 -7.02 -28.73
N VAL B 394 -33.25 -5.76 -28.75
CA VAL B 394 -32.22 -5.26 -27.79
C VAL B 394 -32.86 -5.05 -26.41
N ILE B 395 -34.05 -4.44 -26.39
CA ILE B 395 -34.84 -4.23 -25.13
C ILE B 395 -35.24 -5.59 -24.55
N LYS B 396 -35.73 -6.51 -25.36
CA LYS B 396 -36.12 -7.86 -24.85
C LYS B 396 -34.91 -8.56 -24.24
N GLY B 397 -33.77 -8.47 -24.89
CA GLY B 397 -32.51 -9.03 -24.36
C GLY B 397 -32.16 -8.54 -22.96
N ILE B 398 -32.29 -7.25 -22.69
CA ILE B 398 -31.93 -6.70 -21.36
C ILE B 398 -33.01 -7.09 -20.37
N VAL B 399 -34.28 -7.02 -20.75
CA VAL B 399 -35.41 -7.39 -19.84
C VAL B 399 -35.17 -8.81 -19.35
N ASP B 400 -34.47 -9.65 -20.10
CA ASP B 400 -34.35 -11.09 -19.74
C ASP B 400 -33.11 -11.36 -18.88
N GLN B 401 -32.17 -10.45 -18.72
CA GLN B 401 -31.03 -10.70 -17.79
C GLN B 401 -31.15 -9.80 -16.56
N GLU B 402 -31.90 -8.71 -16.63
CA GLU B 402 -31.65 -7.55 -15.76
C GLU B 402 -32.93 -6.95 -15.16
N GLY B 403 -34.04 -6.93 -15.91
CA GLY B 403 -35.35 -6.45 -15.44
C GLY B 403 -35.85 -5.20 -16.14
N VAL B 404 -37.12 -4.83 -15.92
CA VAL B 404 -37.78 -3.77 -16.72
C VAL B 404 -37.18 -2.41 -16.35
N ALA B 405 -36.80 -2.23 -15.11
CA ALA B 405 -36.22 -0.94 -14.73
C ALA B 405 -35.00 -0.57 -15.58
N THR B 406 -34.03 -1.49 -15.75
CA THR B 406 -32.80 -1.24 -16.57
C THR B 406 -33.18 -1.09 -18.03
N ALA B 407 -34.03 -2.00 -18.50
CA ALA B 407 -34.45 -2.02 -19.91
C ALA B 407 -35.01 -0.64 -20.22
N TYR B 408 -35.88 -0.11 -19.38
CA TYR B 408 -36.46 1.21 -19.67
C TYR B 408 -35.34 2.24 -19.76
N THR B 409 -34.49 2.45 -18.78
CA THR B 409 -33.52 3.58 -18.89
C THR B 409 -32.62 3.43 -20.14
N LEU B 410 -31.94 2.31 -20.35
CA LEU B 410 -31.06 2.16 -21.54
C LEU B 410 -31.87 2.33 -22.80
N GLY B 411 -33.03 1.69 -22.89
CA GLY B 411 -33.87 1.74 -24.11
C GLY B 411 -34.25 3.15 -24.44
N MET B 412 -34.63 3.90 -23.43
CA MET B 412 -35.07 5.28 -23.60
C MET B 412 -33.85 6.11 -24.01
N MET B 413 -32.68 5.79 -23.45
CA MET B 413 -31.44 6.52 -23.79
C MET B 413 -30.99 6.23 -25.20
N LEU B 414 -31.11 5.01 -25.69
CA LEU B 414 -30.67 4.71 -27.07
C LEU B 414 -31.69 5.25 -28.07
N SER B 415 -32.74 5.95 -27.66
CA SER B 415 -33.88 6.28 -28.56
C SER B 415 -34.18 7.78 -28.60
N GLY B 416 -33.21 8.60 -28.22
CA GLY B 416 -33.39 10.04 -28.01
C GLY B 416 -34.62 10.33 -27.16
N GLN B 417 -34.81 9.53 -26.09
CA GLN B 417 -35.89 9.75 -25.10
C GLN B 417 -37.21 9.83 -25.86
N ASN B 418 -37.49 8.79 -26.65
CA ASN B 418 -38.78 8.57 -27.34
C ASN B 418 -39.62 7.69 -26.41
N TYR B 419 -40.74 8.19 -25.90
CA TYR B 419 -41.54 7.47 -24.88
C TYR B 419 -42.44 6.49 -25.60
N GLN B 420 -43.27 7.03 -26.47
CA GLN B 420 -44.28 6.26 -27.21
C GLN B 420 -43.69 4.92 -27.59
N LEU B 421 -42.48 4.87 -28.15
CA LEU B 421 -41.88 3.59 -28.63
C LEU B 421 -41.41 2.69 -27.45
N VAL B 422 -40.69 3.24 -26.48
CA VAL B 422 -40.05 2.38 -25.46
C VAL B 422 -41.12 1.95 -24.45
N SER B 423 -42.09 2.80 -24.15
CA SER B 423 -43.31 2.42 -23.37
C SER B 423 -43.98 1.22 -24.06
N GLY B 424 -44.37 1.39 -25.32
CA GLY B 424 -44.97 0.35 -26.17
C GLY B 424 -44.26 -1.00 -26.15
N ILE B 425 -42.94 -1.07 -26.33
CA ILE B 425 -42.23 -2.39 -26.38
C ILE B 425 -42.17 -3.02 -24.97
N ILE B 426 -41.80 -2.25 -23.94
CA ILE B 426 -41.69 -2.73 -22.54
C ILE B 426 -42.98 -3.41 -22.15
N ARG B 427 -44.12 -2.84 -22.54
CA ARG B 427 -45.44 -3.29 -22.00
C ARG B 427 -45.67 -4.76 -22.33
N GLY B 428 -45.19 -5.18 -23.49
CA GLY B 428 -45.33 -6.58 -23.95
C GLY B 428 -44.41 -7.57 -23.24
N TYR B 429 -43.47 -7.14 -22.41
CA TYR B 429 -42.62 -8.06 -21.61
C TYR B 429 -42.91 -7.95 -20.10
N LEU B 430 -43.90 -7.17 -19.67
CA LEU B 430 -44.19 -7.08 -18.23
C LEU B 430 -44.66 -8.46 -17.77
N PRO B 431 -44.53 -8.79 -16.48
CA PRO B 431 -44.88 -10.08 -15.90
C PRO B 431 -46.34 -10.20 -15.48
N GLY B 432 -47.25 -10.33 -16.47
CA GLY B 432 -48.62 -10.84 -16.28
C GLY B 432 -49.66 -9.76 -16.28
N GLN B 433 -50.93 -10.15 -16.33
CA GLN B 433 -52.04 -9.28 -16.79
C GLN B 433 -52.35 -8.24 -15.70
N ALA B 434 -52.22 -8.65 -14.43
CA ALA B 434 -52.33 -7.81 -13.22
C ALA B 434 -51.50 -6.56 -13.32
N VAL B 435 -50.18 -6.74 -13.40
CA VAL B 435 -49.16 -5.66 -13.40
C VAL B 435 -49.46 -4.68 -14.53
N VAL B 436 -49.67 -5.18 -15.77
CA VAL B 436 -49.90 -4.32 -16.97
C VAL B 436 -51.01 -3.34 -16.67
N THR B 437 -52.15 -3.86 -16.27
CA THR B 437 -53.34 -3.02 -16.11
C THR B 437 -53.14 -2.10 -14.91
N ALA B 438 -52.56 -2.59 -13.83
CA ALA B 438 -52.30 -1.75 -12.63
C ALA B 438 -51.40 -0.57 -12.95
N LEU B 439 -50.33 -0.82 -13.71
CA LEU B 439 -49.36 0.24 -14.06
C LEU B 439 -50.01 1.26 -14.99
N GLN B 440 -50.74 0.79 -16.00
CA GLN B 440 -51.37 1.69 -16.99
C GLN B 440 -52.31 2.67 -16.29
N GLN B 441 -53.10 2.22 -15.32
CA GLN B 441 -53.97 3.15 -14.56
C GLN B 441 -53.15 4.25 -13.88
N ARG B 442 -52.06 3.92 -13.19
CA ARG B 442 -51.28 4.95 -12.47
C ARG B 442 -50.75 5.93 -13.49
N LEU B 443 -50.29 5.48 -14.66
CA LEU B 443 -49.65 6.38 -15.66
C LEU B 443 -50.70 7.33 -16.21
N ASP B 444 -51.95 6.92 -16.31
CA ASP B 444 -52.98 7.73 -17.01
C ASP B 444 -53.62 8.77 -16.08
N GLN B 445 -53.54 8.62 -14.77
CA GLN B 445 -53.60 9.80 -13.85
C GLN B 445 -52.22 10.45 -13.88
N GLU B 446 -52.00 11.30 -14.87
CA GLU B 446 -50.82 12.16 -15.11
C GLU B 446 -51.30 13.03 -16.27
N ILE B 447 -50.56 14.03 -16.69
CA ILE B 447 -51.16 15.14 -17.48
C ILE B 447 -50.37 15.43 -18.76
N ASP B 448 -49.07 15.19 -18.79
CA ASP B 448 -48.20 15.87 -19.78
C ASP B 448 -47.56 14.90 -20.75
N ASP B 449 -47.49 13.59 -20.48
CA ASP B 449 -46.72 12.64 -21.35
C ASP B 449 -45.21 12.87 -21.20
N GLN B 450 -44.82 13.95 -20.51
CA GLN B 450 -43.45 14.24 -20.04
C GLN B 450 -43.35 13.88 -18.55
N THR B 451 -44.39 14.19 -17.79
CA THR B 451 -44.60 13.71 -16.41
C THR B 451 -45.08 12.26 -16.40
N ARG B 452 -45.26 11.65 -17.57
CA ARG B 452 -45.59 10.22 -17.71
C ARG B 452 -44.30 9.48 -18.02
N ALA B 453 -43.20 10.17 -18.24
CA ALA B 453 -41.91 9.53 -18.54
C ALA B 453 -40.92 9.83 -17.43
N GLU B 454 -41.25 10.75 -16.54
CA GLU B 454 -40.41 11.07 -15.37
C GLU B 454 -40.87 10.19 -14.23
N THR B 455 -42.07 9.62 -14.34
CA THR B 455 -42.73 8.93 -13.22
C THR B 455 -42.87 7.44 -13.51
N PHE B 456 -42.46 7.01 -14.70
CA PHE B 456 -42.56 5.60 -15.11
C PHE B 456 -41.85 4.72 -14.10
N ILE B 457 -40.59 4.95 -13.74
CA ILE B 457 -39.85 3.96 -12.89
C ILE B 457 -40.44 3.98 -11.49
N GLN B 458 -40.73 5.18 -10.97
CA GLN B 458 -41.32 5.32 -9.61
C GLN B 458 -42.61 4.48 -9.54
N HIS B 459 -43.56 4.66 -10.46
CA HIS B 459 -44.83 3.88 -10.51
C HIS B 459 -44.57 2.38 -10.67
N LEU B 460 -43.70 1.96 -11.58
CA LEU B 460 -43.42 0.52 -11.79
C LEU B 460 -42.84 -0.11 -10.52
N ASN B 461 -41.87 0.54 -9.87
CA ASN B 461 -41.31 -0.02 -8.60
C ASN B 461 -42.41 -0.19 -7.54
N ALA B 462 -43.41 0.69 -7.53
CA ALA B 462 -44.50 0.64 -6.54
C ALA B 462 -45.52 -0.49 -6.81
N VAL B 463 -45.88 -0.75 -8.05
CA VAL B 463 -46.80 -1.89 -8.29
C VAL B 463 -46.07 -3.17 -7.96
N TYR B 464 -44.75 -3.22 -8.13
CA TYR B 464 -43.98 -4.46 -7.83
C TYR B 464 -43.95 -4.72 -6.32
N GLU B 465 -43.95 -3.68 -5.47
CA GLU B 465 -44.02 -3.82 -3.99
C GLU B 465 -45.31 -4.49 -3.53
N ILE B 466 -46.47 -4.01 -3.99
CA ILE B 466 -47.79 -4.59 -3.57
C ILE B 466 -48.06 -5.96 -4.17
N LEU B 467 -47.23 -6.47 -5.05
CA LEU B 467 -47.35 -7.86 -5.48
C LEU B 467 -46.16 -8.63 -4.97
N GLY B 468 -45.17 -7.94 -4.40
CA GLY B 468 -43.98 -8.59 -3.81
C GLY B 468 -43.19 -9.38 -4.84
N LEU B 469 -42.68 -8.68 -5.84
CA LEU B 469 -41.80 -9.27 -6.86
C LEU B 469 -40.42 -8.65 -6.72
N ASN B 470 -39.38 -9.39 -7.08
CA ASN B 470 -38.02 -8.84 -7.07
C ASN B 470 -37.85 -8.01 -8.34
N ALA B 471 -36.64 -7.46 -8.51
CA ALA B 471 -36.09 -6.78 -9.72
C ALA B 471 -36.58 -7.40 -10.98
N ARG B 472 -36.30 -8.67 -11.15
CA ARG B 472 -36.57 -9.35 -12.41
C ARG B 472 -38.08 -9.47 -12.57
N GLY B 473 -38.80 -9.76 -11.49
CA GLY B 473 -40.24 -10.05 -11.55
C GLY B 473 -40.51 -11.49 -11.20
N GLN B 474 -39.61 -12.14 -10.47
CA GLN B 474 -39.88 -13.40 -9.73
C GLN B 474 -40.50 -13.01 -8.39
N SER B 475 -41.16 -13.95 -7.70
CA SER B 475 -41.75 -13.67 -6.38
C SER B 475 -40.69 -13.83 -5.29
N ILE B 476 -40.57 -12.83 -4.42
CA ILE B 476 -39.43 -12.69 -3.48
C ILE B 476 -39.33 -13.92 -2.62
N ARG B 477 -40.45 -14.43 -2.11
CA ARG B 477 -40.52 -15.78 -1.44
C ARG B 477 -40.17 -16.90 -2.48
N THR C 303 -12.39 10.59 15.14
CA THR C 303 -11.07 9.85 15.28
C THR C 303 -11.16 8.49 14.56
N VAL C 304 -10.19 8.15 13.71
CA VAL C 304 -10.13 6.80 13.07
C VAL C 304 -9.11 5.90 13.77
N ILE C 305 -9.48 4.64 13.94
CA ILE C 305 -8.64 3.53 14.45
C ILE C 305 -8.09 2.82 13.22
N PRO C 306 -6.77 2.90 12.94
CA PRO C 306 -6.21 2.34 11.70
C PRO C 306 -5.93 0.83 11.72
N ILE C 307 -7.00 0.06 11.69
CA ILE C 307 -6.97 -1.40 11.99
C ILE C 307 -6.01 -2.11 11.05
N GLN C 308 -5.98 -1.68 9.79
CA GLN C 308 -5.26 -2.36 8.69
C GLN C 308 -3.77 -2.40 9.02
N HIS C 309 -3.20 -1.29 9.55
CA HIS C 309 -1.75 -1.14 9.87
C HIS C 309 -1.44 -1.91 11.15
N ILE C 310 -2.13 -1.62 12.24
CA ILE C 310 -1.99 -2.32 13.54
C ILE C 310 -2.04 -3.83 13.34
N ARG C 311 -2.88 -4.32 12.42
CA ARG C 311 -3.14 -5.76 12.21
C ARG C 311 -1.97 -6.39 11.47
N SER C 312 -1.11 -5.61 10.84
CA SER C 312 0.04 -6.20 10.12
C SER C 312 1.23 -6.32 11.07
N VAL C 313 1.48 -5.29 11.87
CA VAL C 313 2.48 -5.33 12.97
C VAL C 313 2.22 -6.56 13.86
N THR C 314 1.00 -6.77 14.35
CA THR C 314 0.71 -7.79 15.39
C THR C 314 0.67 -9.17 14.76
N GLY C 315 -0.11 -9.33 13.71
CA GLY C 315 -0.42 -10.63 13.10
C GLY C 315 -1.87 -10.98 13.30
N GLU C 316 -2.20 -12.25 13.42
CA GLU C 316 -3.60 -12.70 13.59
C GLU C 316 -3.74 -13.36 14.96
N PRO C 317 -4.77 -13.01 15.76
CA PRO C 317 -4.97 -13.67 17.04
C PRO C 317 -5.25 -15.15 16.81
N PRO C 318 -4.85 -16.00 17.78
CA PRO C 318 -5.02 -17.46 17.63
C PRO C 318 -6.49 -17.89 17.70
N ARG C 319 -6.76 -19.13 17.25
CA ARG C 319 -8.13 -19.71 17.12
C ARG C 319 -8.70 -20.06 18.49
N ASN C 320 -7.93 -20.76 19.35
CA ASN C 320 -8.28 -21.08 20.76
C ASN C 320 -8.48 -19.79 21.55
N PRO C 321 -9.65 -19.53 22.15
CA PRO C 321 -9.86 -18.30 22.91
C PRO C 321 -9.21 -18.36 24.30
N ARG C 322 -8.53 -19.45 24.64
CA ARG C 322 -7.74 -19.57 25.90
C ARG C 322 -6.36 -18.94 25.73
N GLU C 323 -5.82 -18.90 24.50
CA GLU C 323 -4.42 -18.46 24.21
C GLU C 323 -4.41 -16.97 23.84
N ILE C 324 -5.57 -16.33 23.77
CA ILE C 324 -5.71 -14.90 23.43
C ILE C 324 -5.11 -14.01 24.52
N PRO C 325 -5.36 -14.19 25.81
CA PRO C 325 -4.83 -13.26 26.81
C PRO C 325 -3.29 -13.13 26.79
N ILE C 326 -2.53 -14.22 26.72
CA ILE C 326 -1.04 -14.10 26.71
C ILE C 326 -0.62 -13.34 25.44
N TRP C 327 -1.21 -13.69 24.29
CA TRP C 327 -0.91 -13.02 22.98
C TRP C 327 -1.17 -11.52 23.09
N LEU C 328 -2.26 -11.07 23.71
CA LEU C 328 -2.53 -9.62 23.78
C LEU C 328 -1.55 -8.99 24.78
N GLY C 329 -0.82 -9.80 25.54
CA GLY C 329 0.18 -9.35 26.54
C GLY C 329 1.57 -9.24 25.95
N ARG C 330 1.97 -10.23 25.13
CA ARG C 330 3.21 -10.12 24.32
C ARG C 330 3.12 -8.90 23.38
N ASN C 331 2.08 -8.84 22.54
CA ASN C 331 1.99 -7.87 21.43
C ASN C 331 1.42 -6.54 21.90
N ALA C 332 1.61 -6.13 23.14
CA ALA C 332 1.05 -4.85 23.63
C ALA C 332 1.93 -3.66 23.27
N PRO C 333 3.25 -3.67 23.54
CA PRO C 333 4.13 -2.60 23.08
C PRO C 333 4.32 -2.45 21.56
N ALA C 334 4.16 -3.51 20.76
CA ALA C 334 4.10 -3.40 19.28
C ALA C 334 2.93 -2.50 18.81
N ILE C 335 1.74 -2.64 19.41
CA ILE C 335 0.53 -1.79 19.18
C ILE C 335 0.84 -0.40 19.72
N ASP C 336 1.50 -0.33 20.86
CA ASP C 336 1.86 0.95 21.51
C ASP C 336 3.00 1.61 20.70
N GLY C 337 3.56 0.89 19.73
CA GLY C 337 4.46 1.45 18.72
C GLY C 337 3.68 2.18 17.64
N VAL C 338 2.82 1.47 16.92
CA VAL C 338 2.12 2.03 15.73
C VAL C 338 1.33 3.30 16.11
N PHE C 339 0.41 3.14 17.05
CA PHE C 339 -0.61 4.10 17.48
C PHE C 339 -0.30 4.46 18.92
N PRO C 340 -0.40 5.73 19.35
CA PRO C 340 -0.24 6.07 20.75
C PRO C 340 -1.58 6.01 21.49
N VAL C 341 -1.89 4.85 22.06
CA VAL C 341 -3.02 4.69 23.00
C VAL C 341 -2.79 5.66 24.17
N THR C 342 -3.82 6.35 24.63
CA THR C 342 -3.70 7.48 25.58
C THR C 342 -4.78 7.45 26.69
N THR C 343 -5.93 6.82 26.43
CA THR C 343 -7.20 6.92 27.21
C THR C 343 -7.84 5.54 27.30
N PRO C 344 -8.58 5.23 28.38
CA PRO C 344 -9.49 4.08 28.43
C PRO C 344 -10.29 3.80 27.15
N ASP C 345 -11.00 4.81 26.67
CA ASP C 345 -11.91 4.71 25.50
C ASP C 345 -11.09 4.16 24.34
N LEU C 346 -9.98 4.79 24.01
CA LEU C 346 -9.20 4.40 22.81
C LEU C 346 -8.68 2.99 22.98
N ARG C 347 -8.14 2.64 24.15
CA ARG C 347 -7.61 1.27 24.39
C ARG C 347 -8.69 0.22 24.16
N CYS C 348 -9.90 0.49 24.63
CA CYS C 348 -11.09 -0.39 24.49
C CYS C 348 -11.49 -0.58 23.02
N ARG C 349 -11.51 0.51 22.24
CA ARG C 349 -11.82 0.47 20.78
C ARG C 349 -10.74 -0.36 20.05
N ILE C 350 -9.44 -0.19 20.35
CA ILE C 350 -8.36 -0.90 19.62
C ILE C 350 -8.47 -2.40 19.85
N ILE C 351 -8.79 -2.79 21.09
CA ILE C 351 -8.90 -4.23 21.48
C ILE C 351 -10.07 -4.83 20.69
N ASN C 352 -11.25 -4.21 20.76
CA ASN C 352 -12.49 -4.81 20.23
C ASN C 352 -12.32 -4.97 18.72
N ALA C 353 -11.58 -4.04 18.10
CA ALA C 353 -11.30 -4.08 16.65
C ALA C 353 -10.37 -5.24 16.31
N ILE C 354 -9.24 -5.42 17.01
CA ILE C 354 -8.30 -6.57 16.78
C ILE C 354 -9.06 -7.90 16.89
N LEU C 355 -9.82 -8.10 17.97
CA LEU C 355 -10.46 -9.39 18.36
C LEU C 355 -11.86 -9.53 17.76
N GLY C 356 -12.29 -8.63 16.85
CA GLY C 356 -13.62 -8.65 16.21
C GLY C 356 -13.91 -10.00 15.57
N GLY C 357 -14.93 -10.71 16.06
CA GLY C 357 -15.48 -11.93 15.46
C GLY C 357 -15.07 -13.22 16.17
N ASN C 358 -14.92 -13.18 17.50
CA ASN C 358 -14.77 -14.38 18.39
C ASN C 358 -16.00 -14.41 19.30
N ILE C 359 -15.90 -15.06 20.46
CA ILE C 359 -17.06 -15.45 21.32
C ILE C 359 -17.25 -14.41 22.43
N GLY C 360 -17.92 -13.30 22.09
CA GLY C 360 -18.34 -12.26 23.05
C GLY C 360 -17.23 -11.92 24.02
N LEU C 361 -16.05 -11.60 23.50
CA LEU C 361 -14.90 -11.12 24.31
C LEU C 361 -14.81 -9.60 24.15
N SER C 362 -15.68 -8.83 24.81
CA SER C 362 -15.91 -7.42 24.43
C SER C 362 -15.82 -6.47 25.63
N LEU C 363 -14.72 -5.75 25.73
CA LEU C 363 -14.36 -4.97 26.93
C LEU C 363 -15.12 -3.66 26.84
N THR C 364 -15.17 -2.92 27.96
CA THR C 364 -15.74 -1.56 28.10
C THR C 364 -14.65 -0.59 28.57
N PRO C 365 -14.92 0.72 28.62
CA PRO C 365 -13.98 1.68 29.18
C PRO C 365 -13.61 1.55 30.65
N GLY C 366 -14.36 0.76 31.44
CA GLY C 366 -14.12 0.57 32.88
C GLY C 366 -12.94 -0.36 33.14
N ASP C 367 -12.89 -1.48 32.41
CA ASP C 367 -11.87 -2.54 32.59
C ASP C 367 -10.71 -2.36 31.59
N CYS C 368 -10.55 -1.18 30.99
CA CYS C 368 -9.35 -0.84 30.19
C CYS C 368 -8.75 0.49 30.69
N LEU C 369 -8.17 0.52 31.90
CA LEU C 369 -7.36 1.69 32.36
C LEU C 369 -5.89 1.45 31.98
N THR C 370 -5.48 0.19 31.96
CA THR C 370 -4.11 -0.28 31.66
C THR C 370 -4.19 -1.50 30.76
N TRP C 371 -3.15 -1.77 29.99
CA TRP C 371 -3.04 -3.01 29.20
C TRP C 371 -3.14 -4.25 30.11
N ASP C 372 -2.72 -4.13 31.38
CA ASP C 372 -2.77 -5.21 32.39
C ASP C 372 -4.23 -5.54 32.70
N SER C 373 -4.99 -4.52 33.12
CA SER C 373 -6.43 -4.63 33.46
C SER C 373 -7.19 -5.42 32.38
N ALA C 374 -6.91 -5.15 31.11
CA ALA C 374 -7.59 -5.75 29.94
C ALA C 374 -7.08 -7.16 29.69
N VAL C 375 -5.84 -7.52 30.08
CA VAL C 375 -5.41 -8.93 29.82
C VAL C 375 -5.87 -9.76 31.00
N ALA C 376 -6.00 -9.16 32.20
CA ALA C 376 -6.61 -9.85 33.37
C ALA C 376 -8.02 -10.35 32.99
N THR C 377 -8.87 -9.40 32.61
CA THR C 377 -10.33 -9.61 32.41
C THR C 377 -10.51 -10.57 31.25
N LEU C 378 -9.69 -10.46 30.23
CA LEU C 378 -9.82 -11.46 29.17
C LEU C 378 -9.48 -12.87 29.68
N PHE C 379 -8.57 -13.00 30.66
CA PHE C 379 -8.16 -14.33 31.18
C PHE C 379 -9.39 -14.95 31.83
N ILE C 380 -9.96 -14.20 32.79
CA ILE C 380 -11.15 -14.66 33.57
C ILE C 380 -12.28 -15.07 32.62
N ARG C 381 -12.63 -14.26 31.63
CA ARG C 381 -13.72 -14.64 30.68
C ARG C 381 -13.38 -15.88 29.87
N THR C 382 -12.14 -16.35 29.86
CA THR C 382 -11.77 -17.52 29.01
C THR C 382 -11.30 -18.69 29.86
N HIS C 383 -11.14 -18.48 31.17
CA HIS C 383 -10.53 -19.46 32.12
C HIS C 383 -11.51 -19.74 33.27
N GLY C 384 -12.09 -18.70 33.88
CA GLY C 384 -13.02 -18.84 35.01
C GLY C 384 -12.74 -17.82 36.08
N THR C 385 -13.58 -17.75 37.11
CA THR C 385 -13.62 -16.67 38.13
C THR C 385 -12.33 -16.69 38.95
N PHE C 386 -11.84 -17.85 39.37
CA PHE C 386 -10.51 -18.01 40.04
C PHE C 386 -9.78 -19.18 39.39
N PRO C 387 -8.93 -18.92 38.38
CA PRO C 387 -8.25 -19.99 37.61
C PRO C 387 -6.86 -20.43 38.12
N MET C 388 -6.71 -20.78 39.42
CA MET C 388 -5.39 -20.85 40.11
C MET C 388 -4.54 -21.97 39.53
N HIS C 389 -4.98 -23.22 39.65
CA HIS C 389 -4.27 -24.40 39.10
C HIS C 389 -3.69 -24.07 37.70
N GLN C 390 -4.55 -23.59 36.80
CA GLN C 390 -4.20 -23.26 35.38
C GLN C 390 -3.15 -22.15 35.36
N LEU C 391 -3.30 -21.13 36.21
CA LEU C 391 -2.36 -19.99 36.33
C LEU C 391 -0.94 -20.50 36.64
N GLY C 392 -0.85 -21.44 37.58
CA GLY C 392 0.40 -22.13 37.96
C GLY C 392 1.06 -22.79 36.76
N ASN C 393 0.29 -23.57 35.98
CA ASN C 393 0.79 -24.37 34.84
C ASN C 393 1.36 -23.47 33.73
N VAL C 394 0.82 -22.25 33.53
CA VAL C 394 1.30 -21.35 32.44
C VAL C 394 2.54 -20.60 32.91
N ILE C 395 2.61 -20.13 34.15
CA ILE C 395 3.88 -19.50 34.63
C ILE C 395 5.01 -20.53 34.62
N LYS C 396 4.72 -21.79 34.93
CA LYS C 396 5.72 -22.89 34.89
C LYS C 396 6.06 -23.20 33.44
N GLY C 397 5.11 -23.01 32.52
CA GLY C 397 5.30 -23.27 31.08
C GLY C 397 6.19 -22.23 30.42
N ILE C 398 6.22 -21.02 30.98
CA ILE C 398 7.02 -19.88 30.45
C ILE C 398 8.44 -19.92 31.02
N VAL C 399 8.64 -20.22 32.30
CA VAL C 399 10.01 -20.23 32.89
C VAL C 399 10.87 -21.29 32.20
N ASP C 400 10.29 -22.42 31.80
CA ASP C 400 11.06 -23.54 31.19
C ASP C 400 11.67 -23.10 29.85
N GLN C 401 10.99 -22.24 29.11
CA GLN C 401 11.30 -21.98 27.68
C GLN C 401 11.85 -20.58 27.48
N GLU C 402 11.63 -19.63 28.41
CA GLU C 402 11.99 -18.21 28.15
C GLU C 402 12.75 -17.56 29.30
N GLY C 403 12.61 -18.10 30.51
CA GLY C 403 13.38 -17.68 31.68
C GLY C 403 12.50 -17.05 32.73
N VAL C 404 13.09 -16.51 33.80
CA VAL C 404 12.32 -16.06 34.97
C VAL C 404 11.68 -14.72 34.66
N ALA C 405 12.44 -13.74 34.22
CA ALA C 405 11.85 -12.39 34.07
C ALA C 405 10.63 -12.40 33.13
N THR C 406 10.69 -13.00 31.94
CA THR C 406 9.49 -13.16 31.03
C THR C 406 8.29 -13.65 31.81
N ALA C 407 8.43 -14.81 32.48
CA ALA C 407 7.39 -15.49 33.29
C ALA C 407 6.92 -14.61 34.45
N TYR C 408 7.77 -13.92 35.22
CA TYR C 408 7.22 -13.00 36.25
C TYR C 408 6.44 -11.87 35.60
N THR C 409 6.92 -11.25 34.51
CA THR C 409 6.19 -10.10 33.91
C THR C 409 4.87 -10.55 33.26
N LEU C 410 4.87 -11.64 32.53
CA LEU C 410 3.59 -12.12 31.95
C LEU C 410 2.69 -12.64 33.06
N GLY C 411 3.23 -13.31 34.07
CA GLY C 411 2.43 -13.78 35.22
C GLY C 411 1.68 -12.65 35.91
N MET C 412 2.34 -11.58 36.29
CA MET C 412 1.62 -10.52 37.02
C MET C 412 0.78 -9.63 36.08
N MET C 413 0.73 -9.93 34.78
CA MET C 413 -0.38 -9.49 33.88
C MET C 413 -1.62 -10.38 34.06
N LEU C 414 -1.46 -11.69 33.79
CA LEU C 414 -2.57 -12.67 33.71
C LEU C 414 -3.34 -12.75 35.03
N SER C 415 -2.74 -12.34 36.14
CA SER C 415 -3.23 -12.70 37.49
C SER C 415 -3.75 -11.45 38.23
N GLY C 416 -3.29 -10.26 37.89
CA GLY C 416 -3.84 -9.02 38.47
C GLY C 416 -2.94 -8.46 39.52
N GLN C 417 -1.64 -8.37 39.17
CA GLN C 417 -0.59 -7.75 40.01
C GLN C 417 -0.76 -8.24 41.45
N ASN C 418 -0.87 -9.56 41.65
CA ASN C 418 -0.76 -10.19 43.00
C ASN C 418 0.68 -10.67 43.16
N TYR C 419 1.54 -9.77 43.64
CA TYR C 419 2.98 -10.06 43.87
C TYR C 419 3.11 -11.38 44.62
N GLN C 420 2.28 -11.56 45.64
CA GLN C 420 2.41 -12.68 46.60
C GLN C 420 1.90 -14.00 46.00
N LEU C 421 1.45 -14.08 44.75
CA LEU C 421 1.22 -15.42 44.15
C LEU C 421 2.40 -15.78 43.24
N VAL C 422 2.71 -14.93 42.25
CA VAL C 422 3.72 -15.21 41.18
C VAL C 422 5.09 -15.37 41.83
N SER C 423 5.41 -14.49 42.81
CA SER C 423 6.62 -14.51 43.67
C SER C 423 6.77 -15.85 44.40
N GLY C 424 5.68 -16.60 44.53
CA GLY C 424 5.66 -17.97 45.09
C GLY C 424 5.91 -19.00 44.01
N ILE C 425 5.44 -18.83 42.78
CA ILE C 425 5.62 -19.91 41.77
C ILE C 425 7.01 -19.72 41.09
N ILE C 426 7.57 -18.50 41.13
CA ILE C 426 8.89 -18.19 40.50
C ILE C 426 10.02 -18.71 41.40
N ARG C 427 9.98 -18.47 42.72
CA ARG C 427 11.14 -18.71 43.62
C ARG C 427 11.50 -20.19 43.66
N GLY C 428 10.71 -21.05 43.01
CA GLY C 428 11.05 -22.46 42.82
C GLY C 428 11.97 -22.74 41.64
N TYR C 429 12.12 -21.80 40.69
CA TYR C 429 12.97 -22.02 39.48
C TYR C 429 14.09 -20.97 39.40
N LEU C 430 14.28 -20.15 40.43
CA LEU C 430 15.54 -19.38 40.54
C LEU C 430 16.71 -20.35 40.41
N PRO C 431 17.75 -20.03 39.59
CA PRO C 431 18.82 -20.97 39.22
C PRO C 431 20.03 -21.08 40.16
N GLY C 432 19.91 -21.91 41.19
CA GLY C 432 20.98 -22.14 42.18
C GLY C 432 20.53 -21.85 43.60
N GLN C 433 21.45 -21.82 44.54
CA GLN C 433 21.21 -21.47 45.97
C GLN C 433 21.70 -20.07 46.26
N ALA C 434 22.61 -19.57 45.43
CA ALA C 434 23.30 -18.28 45.64
C ALA C 434 22.43 -17.15 45.12
N VAL C 435 21.75 -17.40 44.02
CA VAL C 435 20.82 -16.39 43.47
C VAL C 435 19.69 -16.17 44.48
N VAL C 436 19.09 -17.23 45.06
CA VAL C 436 17.93 -17.08 46.01
C VAL C 436 18.27 -16.04 47.07
N THR C 437 19.31 -16.36 47.80
CA THR C 437 19.76 -15.64 49.00
C THR C 437 20.06 -14.17 48.65
N ALA C 438 20.70 -13.94 47.50
CA ALA C 438 21.16 -12.61 47.03
C ALA C 438 19.96 -11.77 46.77
N LEU C 439 18.98 -12.34 46.05
CA LEU C 439 17.74 -11.63 45.67
C LEU C 439 17.01 -11.18 46.92
N GLN C 440 16.86 -12.10 47.89
CA GLN C 440 16.07 -11.81 49.12
C GLN C 440 16.66 -10.67 49.91
N GLN C 441 17.98 -10.64 50.08
CA GLN C 441 18.55 -9.57 50.95
C GLN C 441 18.18 -8.24 50.30
N ARG C 442 18.22 -8.17 48.98
CA ARG C 442 17.82 -6.94 48.27
C ARG C 442 16.31 -6.71 48.45
N LEU C 443 15.49 -7.73 48.22
CA LEU C 443 14.01 -7.54 48.31
C LEU C 443 13.60 -7.13 49.72
N ASP C 444 14.24 -7.64 50.76
CA ASP C 444 13.83 -7.42 52.16
C ASP C 444 14.35 -6.08 52.66
N GLN C 445 15.30 -5.48 51.97
CA GLN C 445 15.73 -4.09 52.27
C GLN C 445 14.64 -3.11 51.77
N GLU C 446 13.85 -3.48 50.76
CA GLU C 446 12.72 -2.66 50.25
C GLU C 446 11.60 -2.69 51.29
N ILE C 447 10.80 -1.61 51.34
CA ILE C 447 9.75 -1.36 52.38
C ILE C 447 8.38 -1.72 51.79
N ASP C 448 7.35 -1.83 52.63
CA ASP C 448 5.95 -2.10 52.21
C ASP C 448 5.96 -3.44 51.46
N ASP C 449 5.16 -3.56 50.39
CA ASP C 449 5.21 -4.71 49.46
C ASP C 449 5.05 -4.24 48.00
N GLN C 450 4.26 -3.19 47.76
CA GLN C 450 4.15 -2.52 46.44
C GLN C 450 5.56 -2.24 45.90
N THR C 451 6.45 -1.70 46.74
CA THR C 451 7.87 -1.46 46.36
C THR C 451 8.52 -2.78 45.89
N ARG C 452 8.29 -3.88 46.61
CA ARG C 452 8.95 -5.20 46.37
C ARG C 452 8.33 -5.89 45.16
N ALA C 453 7.26 -5.35 44.59
CA ALA C 453 6.60 -5.91 43.39
C ALA C 453 6.95 -5.08 42.15
N GLU C 454 7.46 -3.85 42.33
CA GLU C 454 7.81 -2.94 41.22
C GLU C 454 9.34 -2.84 41.07
N THR C 455 10.12 -3.12 42.13
CA THR C 455 11.62 -3.10 42.07
C THR C 455 12.16 -4.53 42.09
N PHE C 456 11.36 -5.49 41.69
CA PHE C 456 11.77 -6.90 41.63
C PHE C 456 12.69 -7.14 40.45
N ILE C 457 12.33 -6.64 39.26
CA ILE C 457 13.11 -6.93 38.03
C ILE C 457 14.46 -6.21 38.13
N GLN C 458 14.45 -4.98 38.63
CA GLN C 458 15.66 -4.16 38.96
C GLN C 458 16.63 -4.95 39.88
N HIS C 459 16.13 -5.59 40.92
CA HIS C 459 16.92 -6.42 41.84
C HIS C 459 17.25 -7.77 41.22
N LEU C 460 16.48 -8.31 40.29
CA LEU C 460 16.88 -9.61 39.72
C LEU C 460 18.00 -9.34 38.74
N ASN C 461 17.91 -8.33 37.88
CA ASN C 461 18.88 -8.24 36.76
C ASN C 461 20.27 -7.87 37.27
N ALA C 462 20.36 -7.31 38.47
CA ALA C 462 21.65 -7.05 39.17
C ALA C 462 22.26 -8.34 39.70
N VAL C 463 21.47 -9.23 40.25
CA VAL C 463 22.02 -10.48 40.82
C VAL C 463 22.47 -11.38 39.68
N TYR C 464 21.88 -11.25 38.50
CA TYR C 464 22.33 -12.06 37.35
C TYR C 464 23.53 -11.39 36.67
N GLU C 465 23.71 -10.07 36.73
CA GLU C 465 24.93 -9.45 36.12
C GLU C 465 26.18 -9.97 36.83
N ILE C 466 26.13 -10.05 38.16
CA ILE C 466 27.36 -10.28 38.96
C ILE C 466 27.60 -11.75 39.12
N LEU C 467 26.87 -12.59 38.43
CA LEU C 467 27.15 -14.05 38.38
C LEU C 467 27.34 -14.49 36.93
N GLY C 468 27.05 -13.59 35.99
CA GLY C 468 27.29 -13.78 34.56
C GLY C 468 26.32 -14.76 33.98
N LEU C 469 25.10 -14.71 34.44
CA LEU C 469 24.06 -15.60 33.91
C LEU C 469 23.31 -14.89 32.80
N ASN C 470 22.86 -15.66 31.82
CA ASN C 470 22.08 -15.11 30.68
C ASN C 470 20.61 -15.11 31.05
N ALA C 471 19.76 -14.78 30.10
CA ALA C 471 18.29 -14.74 30.27
C ALA C 471 17.81 -16.04 30.87
N ARG C 472 18.06 -17.14 30.16
CA ARG C 472 17.52 -18.49 30.50
C ARG C 472 18.06 -18.96 31.86
N GLY C 473 19.26 -18.54 32.23
CA GLY C 473 19.85 -18.82 33.56
C GLY C 473 21.00 -19.77 33.46
N GLN C 474 21.79 -19.69 32.39
CA GLN C 474 23.04 -20.45 32.17
C GLN C 474 24.21 -19.46 32.12
N SER C 475 25.45 -19.94 32.26
CA SER C 475 26.67 -19.09 32.27
C SER C 475 26.99 -18.65 30.85
N ILE C 476 27.37 -17.38 30.71
CA ILE C 476 27.59 -16.68 29.41
C ILE C 476 29.06 -16.91 28.95
N THR D 303 5.22 17.75 -4.17
CA THR D 303 4.23 16.69 -4.61
C THR D 303 4.88 15.31 -4.67
N VAL D 304 4.09 14.25 -4.61
CA VAL D 304 4.57 12.85 -4.77
C VAL D 304 3.67 12.12 -5.78
N ILE D 305 4.18 11.96 -6.98
CA ILE D 305 3.56 11.12 -8.03
C ILE D 305 3.46 9.69 -7.50
N PRO D 306 2.26 9.21 -7.13
CA PRO D 306 2.11 7.94 -6.42
C PRO D 306 2.28 6.63 -7.20
N ILE D 307 3.49 6.38 -7.70
CA ILE D 307 3.76 5.40 -8.78
C ILE D 307 3.24 3.97 -8.48
N GLN D 308 3.24 3.53 -7.24
CA GLN D 308 2.79 2.16 -6.88
C GLN D 308 1.36 1.89 -7.40
N HIS D 309 0.47 2.88 -7.33
CA HIS D 309 -0.97 2.78 -7.70
C HIS D 309 -1.21 3.01 -9.20
N ILE D 310 -0.58 4.04 -9.77
CA ILE D 310 -0.51 4.27 -11.24
C ILE D 310 0.05 3.03 -11.94
N ARG D 311 0.94 2.30 -11.30
CA ARG D 311 1.56 1.17 -11.98
C ARG D 311 0.69 -0.06 -11.79
N SER D 312 -0.34 0.00 -10.95
CA SER D 312 -1.26 -1.16 -10.78
C SER D 312 -2.31 -1.18 -11.90
N VAL D 313 -2.80 0.02 -12.27
CA VAL D 313 -3.71 0.29 -13.42
C VAL D 313 -3.01 -0.12 -14.72
N THR D 314 -1.82 0.44 -15.02
CA THR D 314 -1.09 0.28 -16.30
C THR D 314 -0.52 -1.13 -16.40
N GLY D 315 0.36 -1.50 -15.47
CA GLY D 315 1.07 -2.79 -15.49
C GLY D 315 2.56 -2.58 -15.65
N GLU D 316 3.30 -3.63 -16.05
CA GLU D 316 4.77 -3.55 -16.15
C GLU D 316 5.14 -3.10 -17.58
N PRO D 317 5.91 -2.01 -17.79
CA PRO D 317 6.40 -1.66 -19.11
C PRO D 317 7.20 -2.78 -19.75
N PRO D 318 7.15 -2.91 -21.09
CA PRO D 318 7.82 -4.02 -21.79
C PRO D 318 9.35 -3.85 -21.78
N ARG D 319 10.06 -4.93 -22.14
CA ARG D 319 11.54 -5.04 -22.00
C ARG D 319 12.22 -4.66 -23.32
N ASN D 320 11.54 -4.90 -24.44
CA ASN D 320 11.95 -4.48 -25.81
C ASN D 320 11.77 -2.96 -25.90
N PRO D 321 12.83 -2.14 -26.05
CA PRO D 321 12.66 -0.69 -26.16
C PRO D 321 12.01 -0.19 -27.46
N ARG D 322 11.84 -1.07 -28.44
CA ARG D 322 11.07 -0.78 -29.67
C ARG D 322 9.59 -1.09 -29.41
N GLU D 323 9.16 -1.26 -28.17
CA GLU D 323 7.72 -1.49 -27.89
C GLU D 323 7.17 -0.47 -26.90
N ILE D 324 8.00 0.39 -26.38
CA ILE D 324 7.53 1.39 -25.39
C ILE D 324 6.64 2.43 -26.02
N PRO D 325 6.99 3.08 -27.14
CA PRO D 325 6.20 4.24 -27.57
C PRO D 325 4.77 3.89 -27.98
N ILE D 326 4.45 2.66 -28.37
CA ILE D 326 3.01 2.26 -28.54
C ILE D 326 2.37 2.14 -27.15
N TRP D 327 2.99 1.40 -26.22
CA TRP D 327 2.52 1.15 -24.83
C TRP D 327 2.22 2.47 -24.11
N LEU D 328 2.99 3.53 -24.35
CA LEU D 328 2.73 4.84 -23.72
C LEU D 328 1.56 5.58 -24.37
N GLY D 329 1.12 5.17 -25.57
CA GLY D 329 -0.05 5.75 -26.24
C GLY D 329 -1.32 5.10 -25.74
N ARG D 330 -1.32 3.77 -25.60
CA ARG D 330 -2.47 3.02 -25.10
C ARG D 330 -2.74 3.42 -23.66
N ASN D 331 -1.73 3.54 -22.81
CA ASN D 331 -1.95 3.69 -21.35
C ASN D 331 -2.02 5.17 -20.98
N ALA D 332 -2.02 6.08 -21.91
CA ALA D 332 -2.02 7.53 -21.58
C ALA D 332 -3.30 7.94 -20.85
N PRO D 333 -4.53 7.62 -21.31
CA PRO D 333 -5.75 8.09 -20.62
C PRO D 333 -5.93 7.51 -19.19
N ALA D 334 -5.49 6.29 -18.97
CA ALA D 334 -5.48 5.64 -17.65
C ALA D 334 -4.52 6.39 -16.69
N ILE D 335 -3.32 6.77 -17.13
CA ILE D 335 -2.36 7.54 -16.28
C ILE D 335 -3.02 8.88 -15.99
N ASP D 336 -3.53 9.53 -17.02
CA ASP D 336 -4.02 10.93 -16.96
C ASP D 336 -5.38 10.92 -16.25
N GLY D 337 -5.95 9.74 -16.03
CA GLY D 337 -7.12 9.55 -15.15
C GLY D 337 -6.75 9.65 -13.69
N VAL D 338 -5.86 8.76 -13.23
CA VAL D 338 -5.41 8.70 -11.80
C VAL D 338 -4.84 10.05 -11.36
N PHE D 339 -3.76 10.50 -11.97
CA PHE D 339 -3.04 11.74 -11.56
C PHE D 339 -3.23 12.86 -12.57
N PRO D 340 -3.62 14.08 -12.15
CA PRO D 340 -3.75 15.20 -13.07
C PRO D 340 -2.39 15.73 -13.57
N VAL D 341 -2.29 16.07 -14.85
CA VAL D 341 -1.04 16.56 -15.48
C VAL D 341 -1.35 17.86 -16.24
N THR D 342 -0.87 19.00 -15.76
CA THR D 342 -1.09 20.31 -16.45
C THR D 342 0.23 20.74 -17.08
N THR D 343 1.21 21.09 -16.25
CA THR D 343 2.50 21.68 -16.68
C THR D 343 3.30 20.63 -17.43
N PRO D 344 4.08 21.02 -18.47
CA PRO D 344 5.00 20.10 -19.10
C PRO D 344 5.93 19.47 -18.05
N ASP D 345 6.31 20.25 -17.05
CA ASP D 345 7.11 19.78 -15.88
C ASP D 345 6.60 18.42 -15.39
N LEU D 346 5.35 18.36 -14.91
CA LEU D 346 4.75 17.12 -14.39
C LEU D 346 4.69 16.04 -15.46
N ARG D 347 4.44 16.38 -16.73
CA ARG D 347 4.29 15.33 -17.76
C ARG D 347 5.58 14.50 -17.79
N CYS D 348 6.74 15.16 -17.84
CA CYS D 348 8.12 14.58 -17.86
C CYS D 348 8.40 13.73 -16.59
N ARG D 349 7.92 14.21 -15.45
CA ARG D 349 8.09 13.53 -14.15
C ARG D 349 7.35 12.20 -14.14
N ILE D 350 6.11 12.12 -14.63
CA ILE D 350 5.40 10.79 -14.66
C ILE D 350 6.06 9.89 -15.70
N ILE D 351 6.45 10.42 -16.86
CA ILE D 351 6.95 9.51 -17.93
C ILE D 351 8.21 8.82 -17.43
N ASN D 352 9.17 9.57 -16.88
CA ASN D 352 10.44 8.97 -16.40
C ASN D 352 10.13 7.89 -15.37
N ALA D 353 9.34 8.21 -14.36
CA ALA D 353 9.03 7.25 -13.28
C ALA D 353 8.32 6.02 -13.85
N ILE D 354 7.34 6.21 -14.72
CA ILE D 354 6.53 5.06 -15.25
C ILE D 354 7.45 4.16 -16.10
N LEU D 355 8.36 4.71 -16.90
CA LEU D 355 9.35 3.89 -17.67
C LEU D 355 10.17 3.08 -16.67
N GLY D 356 10.91 3.72 -15.77
CA GLY D 356 11.47 3.03 -14.58
C GLY D 356 12.99 2.91 -14.59
N GLY D 357 13.68 3.75 -15.36
CA GLY D 357 15.14 3.93 -15.30
C GLY D 357 15.90 2.81 -15.98
N ASN D 358 15.65 1.56 -15.55
CA ASN D 358 16.35 0.32 -16.00
C ASN D 358 16.40 0.24 -17.53
N ILE D 359 15.37 0.73 -18.24
CA ILE D 359 15.23 0.60 -19.72
C ILE D 359 16.18 1.57 -20.43
N GLY D 360 16.33 2.80 -19.91
CA GLY D 360 17.37 3.77 -20.35
C GLY D 360 16.85 4.83 -21.32
N LEU D 361 15.55 5.15 -21.27
CA LEU D 361 14.85 6.14 -22.14
C LEU D 361 14.30 7.22 -21.22
N SER D 362 14.80 8.46 -21.30
CA SER D 362 14.42 9.53 -20.35
C SER D 362 14.20 10.82 -21.13
N LEU D 363 13.49 11.77 -20.54
CA LEU D 363 12.96 12.95 -21.28
C LEU D 363 13.26 14.24 -20.51
N THR D 364 13.16 15.37 -21.20
CA THR D 364 13.28 16.72 -20.60
C THR D 364 11.93 17.43 -20.70
N PRO D 365 11.71 18.57 -20.01
CA PRO D 365 10.48 19.35 -20.17
C PRO D 365 10.21 19.85 -21.60
N GLY D 366 11.27 20.15 -22.38
CA GLY D 366 11.17 20.56 -23.81
C GLY D 366 10.34 19.60 -24.65
N ASP D 367 10.58 18.29 -24.52
CA ASP D 367 9.96 17.24 -25.37
C ASP D 367 8.51 16.98 -24.93
N CYS D 368 8.16 17.29 -23.69
CA CYS D 368 6.88 16.89 -23.06
C CYS D 368 5.91 18.07 -22.95
N LEU D 369 5.60 18.78 -24.03
CA LEU D 369 4.56 19.86 -24.02
C LEU D 369 3.14 19.26 -24.04
N THR D 370 2.99 18.09 -24.67
CA THR D 370 1.73 17.39 -25.01
C THR D 370 2.00 15.88 -25.02
N TRP D 371 1.08 15.02 -24.58
CA TRP D 371 1.31 13.55 -24.61
C TRP D 371 1.79 13.11 -26.01
N ASP D 372 1.18 13.66 -27.06
CA ASP D 372 1.45 13.25 -28.46
C ASP D 372 2.88 13.67 -28.83
N SER D 373 3.28 14.89 -28.49
CA SER D 373 4.68 15.38 -28.64
C SER D 373 5.68 14.34 -28.13
N ALA D 374 5.49 13.91 -26.89
CA ALA D 374 6.42 13.05 -26.15
C ALA D 374 6.38 11.63 -26.67
N VAL D 375 5.23 11.09 -27.09
CA VAL D 375 5.22 9.68 -27.61
C VAL D 375 6.02 9.67 -28.90
N ALA D 376 6.00 10.75 -29.68
CA ALA D 376 6.72 10.81 -30.97
C ALA D 376 8.21 10.74 -30.76
N THR D 377 8.72 11.56 -29.86
CA THR D 377 10.15 11.70 -29.53
C THR D 377 10.77 10.31 -29.25
N LEU D 378 10.15 9.53 -28.40
CA LEU D 378 10.69 8.17 -28.13
C LEU D 378 10.60 7.27 -29.37
N PHE D 379 9.62 7.44 -30.25
CA PHE D 379 9.59 6.62 -31.49
C PHE D 379 10.81 6.97 -32.34
N ILE D 380 11.15 8.25 -32.46
CA ILE D 380 12.35 8.67 -33.23
C ILE D 380 13.61 8.09 -32.56
N ARG D 381 13.69 8.19 -31.23
CA ARG D 381 14.90 7.81 -30.45
C ARG D 381 15.08 6.29 -30.49
N THR D 382 14.08 5.52 -30.83
CA THR D 382 14.21 4.04 -30.80
C THR D 382 14.25 3.40 -32.20
N HIS D 383 13.88 4.13 -33.25
CA HIS D 383 13.57 3.55 -34.59
C HIS D 383 14.44 4.15 -35.68
N GLY D 384 14.87 5.39 -35.49
CA GLY D 384 15.59 6.18 -36.51
C GLY D 384 14.89 7.48 -36.72
N THR D 385 15.48 8.37 -37.54
CA THR D 385 14.74 9.52 -38.14
C THR D 385 14.21 9.05 -39.50
N PHE D 386 13.03 9.57 -39.85
CA PHE D 386 12.23 9.22 -41.06
C PHE D 386 12.01 7.74 -41.12
N PRO D 387 11.30 7.20 -40.11
CA PRO D 387 11.04 5.77 -40.02
C PRO D 387 9.68 5.49 -40.65
N MET D 388 9.45 6.01 -41.86
CA MET D 388 8.14 5.92 -42.53
C MET D 388 7.78 4.48 -42.95
N HIS D 389 8.75 3.66 -43.30
CA HIS D 389 8.43 2.25 -43.62
C HIS D 389 7.84 1.54 -42.39
N GLN D 390 8.41 1.68 -41.19
CA GLN D 390 7.98 0.88 -40.01
C GLN D 390 6.71 1.47 -39.42
N LEU D 391 6.56 2.79 -39.40
CA LEU D 391 5.28 3.39 -39.02
C LEU D 391 4.20 2.63 -39.77
N GLY D 392 4.42 2.38 -41.07
CA GLY D 392 3.48 1.63 -41.93
C GLY D 392 3.18 0.25 -41.35
N ASN D 393 4.21 -0.52 -40.99
CA ASN D 393 4.00 -1.89 -40.47
C ASN D 393 3.31 -1.86 -39.10
N VAL D 394 3.66 -0.90 -38.23
CA VAL D 394 3.00 -0.76 -36.90
C VAL D 394 1.52 -0.46 -37.13
N ILE D 395 1.20 0.46 -38.04
CA ILE D 395 -0.21 0.90 -38.26
C ILE D 395 -0.93 -0.25 -38.93
N LYS D 396 -0.26 -1.06 -39.73
CA LYS D 396 -0.94 -2.24 -40.31
C LYS D 396 -1.35 -3.15 -39.16
N GLY D 397 -0.39 -3.51 -38.33
CA GLY D 397 -0.64 -4.54 -37.31
C GLY D 397 -1.87 -4.23 -36.46
N ILE D 398 -2.09 -2.95 -36.12
CA ILE D 398 -3.18 -2.57 -35.19
C ILE D 398 -4.50 -2.73 -35.94
N VAL D 399 -4.55 -2.34 -37.22
CA VAL D 399 -5.82 -2.30 -38.00
C VAL D 399 -6.38 -3.71 -38.04
N ASP D 400 -5.52 -4.73 -37.92
CA ASP D 400 -5.88 -6.15 -38.12
C ASP D 400 -6.11 -6.84 -36.78
N GLN D 401 -6.37 -6.08 -35.72
CA GLN D 401 -6.79 -6.61 -34.39
C GLN D 401 -7.80 -5.68 -33.75
N GLU D 402 -7.62 -4.35 -33.86
CA GLU D 402 -8.43 -3.38 -33.05
C GLU D 402 -9.35 -2.52 -33.91
N GLY D 403 -8.88 -2.15 -35.11
CA GLY D 403 -9.70 -1.66 -36.24
C GLY D 403 -9.19 -0.34 -36.75
N VAL D 404 -9.85 0.23 -37.76
CA VAL D 404 -9.28 1.42 -38.47
C VAL D 404 -9.31 2.61 -37.54
N ALA D 405 -10.20 2.68 -36.57
CA ALA D 405 -10.34 3.87 -35.70
C ALA D 405 -9.19 3.96 -34.70
N THR D 406 -8.91 2.88 -34.00
CA THR D 406 -7.78 2.81 -33.03
C THR D 406 -6.46 3.17 -33.74
N ALA D 407 -6.23 2.52 -34.89
CA ALA D 407 -5.01 2.67 -35.70
C ALA D 407 -4.76 4.16 -36.00
N TYR D 408 -5.77 4.88 -36.47
CA TYR D 408 -5.66 6.35 -36.70
C TYR D 408 -5.12 7.06 -35.47
N THR D 409 -5.76 6.86 -34.32
CA THR D 409 -5.39 7.60 -33.09
C THR D 409 -3.94 7.24 -32.71
N LEU D 410 -3.63 5.97 -32.65
CA LEU D 410 -2.24 5.66 -32.24
C LEU D 410 -1.21 6.15 -33.25
N GLY D 411 -1.47 6.02 -34.56
CA GLY D 411 -0.61 6.56 -35.63
C GLY D 411 -0.41 8.05 -35.50
N MET D 412 -1.46 8.81 -35.35
CA MET D 412 -1.22 10.25 -35.23
C MET D 412 -0.37 10.58 -33.99
N MET D 413 -0.25 9.71 -32.96
CA MET D 413 0.72 9.94 -31.82
C MET D 413 2.17 9.63 -32.24
N LEU D 414 2.48 8.38 -32.53
CA LEU D 414 3.79 7.96 -33.06
C LEU D 414 4.26 8.90 -34.16
N SER D 415 3.36 9.46 -34.97
CA SER D 415 3.72 10.21 -36.20
C SER D 415 4.15 11.64 -35.91
N GLY D 416 3.76 12.17 -34.76
CA GLY D 416 3.87 13.60 -34.46
C GLY D 416 2.76 14.39 -35.13
N GLN D 417 1.57 13.79 -35.22
CA GLN D 417 0.34 14.41 -35.77
C GLN D 417 0.60 14.88 -37.21
N ASN D 418 1.07 13.96 -38.06
CA ASN D 418 1.28 14.21 -39.51
C ASN D 418 0.05 13.68 -40.27
N TYR D 419 -0.92 14.55 -40.59
CA TYR D 419 -2.22 14.10 -41.12
C TYR D 419 -1.96 13.44 -42.48
N GLN D 420 -1.37 14.23 -43.36
CA GLN D 420 -0.95 13.83 -44.72
C GLN D 420 -0.37 12.41 -44.75
N LEU D 421 0.48 12.05 -43.79
CA LEU D 421 1.21 10.78 -43.81
C LEU D 421 0.28 9.67 -43.36
N VAL D 422 -0.28 9.73 -42.13
CA VAL D 422 -1.08 8.62 -41.51
C VAL D 422 -2.32 8.37 -42.34
N SER D 423 -2.97 9.46 -42.77
CA SER D 423 -4.14 9.36 -43.69
C SER D 423 -3.83 8.37 -44.84
N GLY D 424 -2.77 8.65 -45.59
CA GLY D 424 -2.28 7.81 -46.68
C GLY D 424 -2.15 6.34 -46.30
N ILE D 425 -1.55 6.05 -45.16
CA ILE D 425 -1.30 4.64 -44.74
C ILE D 425 -2.62 3.96 -44.44
N ILE D 426 -3.55 4.67 -43.78
CA ILE D 426 -4.86 4.10 -43.38
C ILE D 426 -5.70 3.83 -44.64
N ARG D 427 -5.70 4.75 -45.63
CA ARG D 427 -6.53 4.60 -46.87
C ARG D 427 -6.39 3.23 -47.52
N GLY D 428 -5.35 2.48 -47.17
CA GLY D 428 -5.01 1.19 -47.78
C GLY D 428 -5.61 0.07 -47.00
N TYR D 429 -5.76 0.23 -45.71
CA TYR D 429 -6.28 -0.88 -44.87
C TYR D 429 -7.81 -0.74 -44.69
N LEU D 430 -8.45 0.31 -45.25
CA LEU D 430 -9.93 0.46 -45.23
C LEU D 430 -10.57 -0.74 -45.90
N PRO D 431 -11.71 -1.19 -45.35
CA PRO D 431 -12.37 -2.46 -45.68
C PRO D 431 -13.45 -2.39 -46.77
N GLY D 432 -13.03 -2.00 -47.97
CA GLY D 432 -13.96 -1.73 -49.07
C GLY D 432 -13.32 -0.95 -50.17
N GLN D 433 -13.87 -1.01 -51.38
CA GLN D 433 -13.55 -0.05 -52.46
C GLN D 433 -14.48 1.14 -52.29
N ALA D 434 -15.62 0.91 -51.67
CA ALA D 434 -16.72 1.87 -51.50
C ALA D 434 -16.52 2.70 -50.25
N VAL D 435 -16.19 2.07 -49.12
CA VAL D 435 -15.88 2.80 -47.86
C VAL D 435 -14.91 3.94 -48.21
N VAL D 436 -13.84 3.64 -48.97
CA VAL D 436 -12.76 4.63 -49.27
C VAL D 436 -13.36 5.84 -49.95
N THR D 437 -14.01 5.62 -51.11
CA THR D 437 -14.50 6.77 -51.94
C THR D 437 -15.56 7.58 -51.19
N ALA D 438 -16.35 6.92 -50.35
CA ALA D 438 -17.37 7.60 -49.54
C ALA D 438 -16.72 8.41 -48.44
N LEU D 439 -15.68 7.86 -47.80
CA LEU D 439 -15.06 8.58 -46.66
C LEU D 439 -14.46 9.86 -47.22
N GLN D 440 -13.72 9.70 -48.30
CA GLN D 440 -12.88 10.78 -48.86
C GLN D 440 -13.75 11.88 -49.44
N GLN D 441 -15.01 11.59 -49.74
CA GLN D 441 -15.98 12.58 -50.30
C GLN D 441 -16.46 13.49 -49.17
N ARG D 442 -16.50 13.02 -47.92
CA ARG D 442 -16.84 13.90 -46.77
C ARG D 442 -15.60 14.68 -46.34
N LEU D 443 -14.40 14.08 -46.37
CA LEU D 443 -13.21 14.77 -45.82
C LEU D 443 -12.83 15.92 -46.74
N ASP D 444 -13.37 15.97 -47.96
CA ASP D 444 -13.02 17.04 -48.93
C ASP D 444 -13.84 18.32 -48.70
N GLN D 445 -14.99 18.26 -48.03
CA GLN D 445 -15.82 19.47 -47.76
C GLN D 445 -15.36 20.17 -46.48
N GLU D 446 -14.49 19.57 -45.66
CA GLU D 446 -13.82 20.29 -44.55
C GLU D 446 -12.78 21.23 -45.16
N ILE D 447 -12.64 22.42 -44.57
CA ILE D 447 -11.96 23.59 -45.18
C ILE D 447 -10.45 23.33 -45.30
N ASP D 448 -9.82 22.81 -44.24
CA ASP D 448 -8.34 22.76 -44.08
C ASP D 448 -7.91 21.38 -43.60
N ASP D 449 -6.61 21.12 -43.57
CA ASP D 449 -6.06 19.81 -43.10
C ASP D 449 -6.10 19.72 -41.56
N GLN D 450 -6.16 20.86 -40.88
CA GLN D 450 -6.39 20.92 -39.42
C GLN D 450 -7.80 20.42 -39.13
N THR D 451 -8.79 20.91 -39.88
CA THR D 451 -10.23 20.60 -39.69
C THR D 451 -10.52 19.16 -40.12
N ARG D 452 -9.80 18.62 -41.09
CA ARG D 452 -9.95 17.21 -41.52
C ARG D 452 -9.48 16.31 -40.39
N ALA D 453 -8.35 16.66 -39.78
CA ALA D 453 -7.68 15.84 -38.77
C ALA D 453 -8.54 15.79 -37.50
N GLU D 454 -9.33 16.84 -37.25
CA GLU D 454 -10.21 16.86 -36.06
C GLU D 454 -11.49 16.04 -36.32
N THR D 455 -11.96 15.90 -37.58
CA THR D 455 -13.30 15.36 -37.93
C THR D 455 -13.18 14.03 -38.71
N PHE D 456 -12.19 13.21 -38.44
CA PHE D 456 -11.95 12.00 -39.26
C PHE D 456 -12.65 10.80 -38.62
N ILE D 457 -12.48 10.60 -37.32
CA ILE D 457 -13.17 9.47 -36.63
C ILE D 457 -14.69 9.67 -36.72
N GLN D 458 -15.17 10.91 -36.59
CA GLN D 458 -16.60 11.23 -36.73
C GLN D 458 -17.11 10.88 -38.14
N HIS D 459 -16.37 11.27 -39.18
CA HIS D 459 -16.74 10.94 -40.58
C HIS D 459 -16.62 9.44 -40.82
N LEU D 460 -15.62 8.76 -40.28
CA LEU D 460 -15.43 7.33 -40.58
C LEU D 460 -16.61 6.54 -39.98
N ASN D 461 -17.16 6.99 -38.85
CA ASN D 461 -18.16 6.18 -38.13
C ASN D 461 -19.52 6.30 -38.80
N ALA D 462 -19.87 7.46 -39.34
CA ALA D 462 -21.06 7.59 -40.23
C ALA D 462 -21.05 6.50 -41.32
N VAL D 463 -19.97 6.42 -42.08
CA VAL D 463 -19.83 5.46 -43.18
C VAL D 463 -20.09 4.07 -42.63
N TYR D 464 -19.47 3.71 -41.52
CA TYR D 464 -19.52 2.31 -41.06
C TYR D 464 -20.96 1.98 -40.65
N GLU D 465 -21.60 2.93 -39.97
CA GLU D 465 -23.03 2.86 -39.52
C GLU D 465 -23.96 2.53 -40.68
N ILE D 466 -23.82 3.27 -41.77
CA ILE D 466 -24.67 3.17 -42.99
C ILE D 466 -24.50 1.81 -43.66
N LEU D 467 -23.41 1.11 -43.42
CA LEU D 467 -23.17 -0.16 -44.10
C LEU D 467 -23.22 -1.29 -43.09
N GLY D 468 -23.56 -0.99 -41.83
CA GLY D 468 -23.76 -2.00 -40.76
C GLY D 468 -22.50 -2.81 -40.59
N LEU D 469 -21.41 -2.12 -40.31
CA LEU D 469 -20.13 -2.70 -39.96
C LEU D 469 -19.85 -2.42 -38.48
N ASN D 470 -19.19 -3.34 -37.80
CA ASN D 470 -18.73 -3.06 -36.42
C ASN D 470 -17.34 -2.43 -36.52
N ALA D 471 -16.75 -2.08 -35.37
CA ALA D 471 -15.37 -1.53 -35.20
C ALA D 471 -14.35 -2.27 -36.05
N ARG D 472 -14.30 -3.59 -35.92
CA ARG D 472 -13.32 -4.45 -36.63
C ARG D 472 -13.65 -4.56 -38.12
N GLY D 473 -14.72 -3.90 -38.59
CA GLY D 473 -14.99 -3.71 -40.03
C GLY D 473 -15.62 -4.93 -40.68
N GLN D 474 -16.25 -5.79 -39.85
CA GLN D 474 -17.06 -6.94 -40.30
C GLN D 474 -18.54 -6.59 -40.11
N SER D 475 -19.41 -7.25 -40.89
CA SER D 475 -20.89 -7.13 -40.85
C SER D 475 -21.44 -7.39 -39.45
N ILE D 476 -22.44 -6.61 -39.07
CA ILE D 476 -23.21 -6.74 -37.81
C ILE D 476 -24.37 -7.70 -38.11
N ARG D 477 -25.07 -7.49 -39.24
CA ARG D 477 -26.48 -7.92 -39.53
C ARG D 477 -26.66 -9.43 -39.34
N THR E 303 10.18 15.58 7.35
CA THR E 303 9.62 15.11 6.03
C THR E 303 9.82 13.60 5.86
N VAL E 304 8.76 12.86 5.54
CA VAL E 304 8.82 11.38 5.49
C VAL E 304 8.96 10.94 4.03
N ILE E 305 10.18 10.61 3.59
CA ILE E 305 10.41 10.09 2.21
C ILE E 305 9.52 8.87 1.98
N PRO E 306 8.79 8.81 0.84
CA PRO E 306 8.00 7.62 0.48
C PRO E 306 8.78 6.48 -0.17
N ILE E 307 9.47 5.69 0.67
CA ILE E 307 10.32 4.55 0.23
C ILE E 307 9.51 3.48 -0.53
N GLN E 308 8.28 3.13 -0.18
CA GLN E 308 7.59 1.97 -0.82
C GLN E 308 7.34 2.24 -2.32
N HIS E 309 7.21 3.52 -2.69
CA HIS E 309 7.00 4.02 -4.08
C HIS E 309 8.31 4.04 -4.88
N ILE E 310 9.36 4.60 -4.26
CA ILE E 310 10.74 4.73 -4.81
C ILE E 310 11.31 3.34 -5.03
N ARG E 311 10.82 2.32 -4.35
CA ARG E 311 11.34 0.94 -4.49
C ARG E 311 10.55 0.15 -5.55
N SER E 312 9.48 0.70 -6.11
CA SER E 312 8.71 0.04 -7.19
C SER E 312 9.32 0.41 -8.55
N VAL E 313 9.75 1.67 -8.65
CA VAL E 313 10.47 2.29 -9.80
C VAL E 313 11.83 1.59 -9.94
N THR E 314 12.66 1.74 -8.92
CA THR E 314 14.12 1.47 -8.93
C THR E 314 14.33 -0.02 -9.07
N GLY E 315 13.78 -0.80 -8.18
CA GLY E 315 13.98 -2.26 -8.16
C GLY E 315 14.90 -2.68 -7.03
N GLU E 316 15.57 -3.84 -7.18
CA GLU E 316 16.48 -4.39 -6.14
C GLU E 316 17.93 -4.18 -6.57
N PRO E 317 18.80 -3.58 -5.74
CA PRO E 317 20.20 -3.38 -6.11
C PRO E 317 20.91 -4.67 -6.47
N PRO E 318 21.86 -4.66 -7.44
CA PRO E 318 22.64 -5.85 -7.77
C PRO E 318 23.50 -6.41 -6.63
N ARG E 319 23.79 -7.71 -6.67
CA ARG E 319 24.55 -8.44 -5.62
C ARG E 319 26.02 -8.01 -5.67
N ASN E 320 26.70 -8.32 -6.79
CA ASN E 320 28.10 -7.90 -7.06
C ASN E 320 28.21 -6.40 -6.85
N PRO E 321 28.87 -5.90 -5.80
CA PRO E 321 28.81 -4.49 -5.47
C PRO E 321 29.77 -3.57 -6.22
N ARG E 322 30.11 -3.86 -7.47
CA ARG E 322 30.91 -2.91 -8.30
C ARG E 322 30.02 -2.46 -9.46
N GLU E 323 28.74 -2.75 -9.33
CA GLU E 323 27.65 -2.36 -10.25
C GLU E 323 26.75 -1.35 -9.57
N ILE E 324 26.82 -1.24 -8.26
CA ILE E 324 25.96 -0.30 -7.51
C ILE E 324 26.21 1.12 -8.01
N PRO E 325 27.43 1.65 -8.12
CA PRO E 325 27.61 3.00 -8.65
C PRO E 325 26.96 3.21 -10.03
N ILE E 326 27.08 2.30 -10.98
CA ILE E 326 26.51 2.51 -12.34
C ILE E 326 24.99 2.30 -12.33
N TRP E 327 24.48 1.30 -11.61
CA TRP E 327 23.02 1.08 -11.42
C TRP E 327 22.40 2.30 -10.75
N LEU E 328 23.13 3.04 -9.92
CA LEU E 328 22.52 4.20 -9.24
C LEU E 328 22.48 5.43 -10.15
N GLY E 329 23.25 5.50 -11.23
CA GLY E 329 23.11 6.62 -12.18
C GLY E 329 21.93 6.43 -13.15
N ARG E 330 21.67 5.19 -13.59
CA ARG E 330 20.59 4.83 -14.53
C ARG E 330 19.23 4.98 -13.87
N ASN E 331 19.16 5.02 -12.55
CA ASN E 331 17.88 5.13 -11.83
C ASN E 331 17.72 6.53 -11.26
N ALA E 332 18.68 7.43 -11.43
CA ALA E 332 18.62 8.79 -10.85
C ALA E 332 17.42 9.56 -11.38
N PRO E 333 17.18 9.62 -12.71
CA PRO E 333 16.09 10.46 -13.23
C PRO E 333 14.71 10.03 -12.70
N ALA E 334 14.54 8.71 -12.52
CA ALA E 334 13.28 8.11 -12.09
C ALA E 334 13.01 8.38 -10.60
N ILE E 335 14.03 8.39 -9.72
CA ILE E 335 13.88 8.76 -8.27
C ILE E 335 13.46 10.24 -8.15
N ASP E 336 14.03 11.11 -8.97
CA ASP E 336 13.73 12.55 -8.95
C ASP E 336 12.39 12.76 -9.67
N GLY E 337 11.81 11.71 -10.21
CA GLY E 337 10.41 11.69 -10.70
C GLY E 337 9.41 11.49 -9.59
N VAL E 338 9.59 10.44 -8.81
CA VAL E 338 8.68 10.08 -7.70
C VAL E 338 8.71 11.13 -6.61
N PHE E 339 9.76 11.93 -6.50
CA PHE E 339 9.94 12.85 -5.34
C PHE E 339 11.05 13.81 -5.70
N PRO E 340 10.85 15.12 -5.75
CA PRO E 340 11.92 16.01 -6.18
C PRO E 340 12.97 16.30 -5.10
N VAL E 341 14.06 15.53 -5.14
CA VAL E 341 15.30 15.67 -4.31
C VAL E 341 15.91 17.03 -4.60
N THR E 342 16.07 17.86 -3.56
CA THR E 342 16.43 19.29 -3.65
C THR E 342 17.70 19.57 -2.83
N THR E 343 17.64 19.31 -1.52
CA THR E 343 18.75 19.54 -0.57
C THR E 343 19.70 18.33 -0.59
N PRO E 344 21.01 18.58 -0.41
CA PRO E 344 21.97 17.52 -0.12
C PRO E 344 21.49 16.48 0.88
N ASP E 345 20.73 16.93 1.88
CA ASP E 345 20.31 16.12 3.06
C ASP E 345 19.41 14.98 2.57
N LEU E 346 18.34 15.30 1.86
CA LEU E 346 17.43 14.29 1.26
C LEU E 346 18.19 13.31 0.36
N ARG E 347 19.11 13.81 -0.45
CA ARG E 347 19.83 12.95 -1.39
C ARG E 347 20.57 11.87 -0.60
N CYS E 348 21.15 12.23 0.54
CA CYS E 348 21.79 11.26 1.47
C CYS E 348 20.78 10.21 1.96
N ARG E 349 19.71 10.70 2.60
CA ARG E 349 18.64 9.87 3.19
C ARG E 349 18.10 8.90 2.15
N ILE E 350 17.78 9.37 0.94
CA ILE E 350 17.16 8.49 -0.09
C ILE E 350 18.14 7.37 -0.46
N ILE E 351 19.40 7.70 -0.68
CA ILE E 351 20.42 6.67 -1.05
C ILE E 351 20.54 5.71 0.14
N ASN E 352 20.68 6.20 1.39
CA ASN E 352 20.95 5.27 2.52
C ASN E 352 19.83 4.26 2.65
N ALA E 353 18.58 4.70 2.45
CA ALA E 353 17.37 3.85 2.55
C ALA E 353 17.34 2.76 1.45
N ILE E 354 17.65 3.14 0.19
CA ILE E 354 17.60 2.27 -1.03
C ILE E 354 18.62 1.12 -0.92
N LEU E 355 19.83 1.39 -0.40
CA LEU E 355 20.91 0.37 -0.25
C LEU E 355 20.66 -0.54 0.96
N GLY E 356 20.37 0.00 2.15
CA GLY E 356 19.79 -0.75 3.29
C GLY E 356 20.83 -1.14 4.33
N GLY E 357 20.90 -2.42 4.70
CA GLY E 357 21.93 -2.94 5.62
C GLY E 357 23.29 -3.15 4.95
N ASN E 358 23.79 -2.15 4.21
CA ASN E 358 25.22 -2.00 3.81
C ASN E 358 25.77 -0.81 4.59
N ILE E 359 26.21 -1.06 5.80
CA ILE E 359 26.82 0.00 6.66
C ILE E 359 28.16 0.40 6.04
N GLY E 360 28.67 -0.41 5.08
CA GLY E 360 29.72 -0.02 4.11
C GLY E 360 29.36 1.24 3.30
N LEU E 361 28.45 1.10 2.34
CA LEU E 361 28.18 2.11 1.28
C LEU E 361 27.19 3.17 1.77
N SER E 362 27.36 3.66 2.99
CA SER E 362 26.41 4.64 3.57
C SER E 362 27.05 6.02 3.53
N LEU E 363 26.39 6.94 2.86
CA LEU E 363 27.01 8.21 2.49
C LEU E 363 26.62 9.22 3.57
N THR E 364 26.91 10.47 3.30
CA THR E 364 26.91 11.62 4.23
C THR E 364 26.38 12.85 3.47
N PRO E 365 25.93 13.93 4.12
CA PRO E 365 25.62 15.15 3.40
C PRO E 365 26.71 15.88 2.61
N GLY E 366 27.99 15.54 2.81
CA GLY E 366 29.13 16.06 2.02
C GLY E 366 29.31 15.33 0.70
N ASP E 367 28.97 14.03 0.67
CA ASP E 367 29.12 13.08 -0.48
C ASP E 367 27.92 13.18 -1.43
N CYS E 368 27.13 14.26 -1.37
CA CYS E 368 25.84 14.35 -2.08
C CYS E 368 25.49 15.83 -2.28
N LEU E 369 26.02 16.50 -3.29
CA LEU E 369 25.53 17.86 -3.67
C LEU E 369 24.74 17.77 -4.96
N THR E 370 25.27 17.00 -5.90
CA THR E 370 24.62 16.56 -7.16
C THR E 370 24.36 15.06 -7.08
N TRP E 371 23.72 14.49 -8.10
CA TRP E 371 23.61 13.02 -8.18
C TRP E 371 24.90 12.39 -8.73
N ASP E 372 25.96 13.18 -8.98
CA ASP E 372 27.17 12.70 -9.68
C ASP E 372 28.36 12.65 -8.72
N SER E 373 28.47 13.60 -7.80
CA SER E 373 29.36 13.49 -6.60
C SER E 373 29.09 12.16 -5.91
N ALA E 374 27.83 11.80 -5.78
CA ALA E 374 27.40 10.57 -5.11
C ALA E 374 27.96 9.36 -5.85
N VAL E 375 27.83 9.28 -7.15
CA VAL E 375 28.26 8.04 -7.85
C VAL E 375 29.78 7.96 -7.86
N ALA E 376 30.52 9.07 -7.86
CA ALA E 376 32.00 9.04 -7.67
C ALA E 376 32.34 8.42 -6.32
N THR E 377 31.63 8.83 -5.26
CA THR E 377 31.93 8.44 -3.87
C THR E 377 31.54 6.98 -3.61
N LEU E 378 30.59 6.44 -4.33
CA LEU E 378 30.33 4.98 -4.26
C LEU E 378 31.31 4.20 -5.14
N PHE E 379 31.80 4.84 -6.19
CA PHE E 379 32.82 4.26 -7.11
C PHE E 379 34.12 4.04 -6.34
N ILE E 380 34.53 5.04 -5.57
CA ILE E 380 35.85 4.95 -4.90
C ILE E 380 35.73 4.16 -3.61
N ARG E 381 34.52 3.72 -3.19
CA ARG E 381 34.36 2.77 -2.06
C ARG E 381 34.37 1.34 -2.57
N THR E 382 33.68 1.05 -3.66
CA THR E 382 33.66 -0.32 -4.20
C THR E 382 34.81 -0.60 -5.16
N HIS E 383 35.57 0.41 -5.64
CA HIS E 383 36.67 0.10 -6.57
C HIS E 383 38.04 0.31 -5.92
N GLY E 384 38.20 1.32 -5.07
CA GLY E 384 39.53 1.73 -4.56
C GLY E 384 40.01 3.00 -5.21
N THR E 385 41.04 3.64 -4.67
CA THR E 385 41.52 4.94 -5.21
C THR E 385 42.62 4.68 -6.24
N PHE E 386 42.43 5.15 -7.45
CA PHE E 386 43.35 4.95 -8.57
C PHE E 386 44.43 6.01 -8.56
N PRO E 387 45.65 5.69 -9.02
CA PRO E 387 46.61 6.69 -9.43
C PRO E 387 46.32 7.21 -10.85
N MET E 388 46.68 8.47 -11.16
CA MET E 388 46.36 9.14 -12.45
C MET E 388 46.73 8.29 -13.68
N HIS E 389 47.78 7.48 -13.66
CA HIS E 389 48.17 6.68 -14.85
C HIS E 389 47.26 5.47 -15.01
N GLN E 390 46.21 5.34 -14.21
CA GLN E 390 45.26 4.20 -14.34
C GLN E 390 43.88 4.69 -14.77
N LEU E 391 43.72 5.98 -15.03
CA LEU E 391 42.41 6.57 -15.36
C LEU E 391 41.98 6.05 -16.73
N GLY E 392 42.91 5.91 -17.65
CA GLY E 392 42.60 5.44 -19.01
C GLY E 392 41.89 4.10 -19.01
N ASN E 393 42.40 3.15 -18.25
CA ASN E 393 41.84 1.79 -18.20
C ASN E 393 40.42 1.85 -17.60
N VAL E 394 40.20 2.59 -16.54
CA VAL E 394 38.84 2.67 -15.90
C VAL E 394 37.85 3.25 -16.91
N ILE E 395 38.20 4.36 -17.59
CA ILE E 395 37.29 5.07 -18.55
C ILE E 395 36.91 4.07 -19.66
N LYS E 396 37.87 3.29 -20.16
CA LYS E 396 37.58 2.33 -21.25
C LYS E 396 36.59 1.28 -20.75
N GLY E 397 36.69 0.88 -19.51
CA GLY E 397 35.68 -0.04 -18.93
C GLY E 397 34.26 0.50 -19.03
N ILE E 398 34.06 1.79 -18.81
CA ILE E 398 32.69 2.38 -18.76
C ILE E 398 32.22 2.60 -20.19
N VAL E 399 33.05 3.17 -21.06
CA VAL E 399 32.69 3.41 -22.48
C VAL E 399 32.30 2.09 -23.10
N ASP E 400 32.78 0.94 -22.59
CA ASP E 400 32.44 -0.40 -23.12
C ASP E 400 31.00 -0.80 -22.74
N GLN E 401 30.66 -0.73 -21.45
CA GLN E 401 29.37 -1.19 -20.87
C GLN E 401 28.27 -0.14 -21.16
N GLU E 402 28.51 1.12 -20.77
CA GLU E 402 27.60 2.28 -20.99
C GLU E 402 28.15 3.13 -22.13
N GLY E 403 27.72 4.39 -22.27
CA GLY E 403 28.17 5.35 -23.33
C GLY E 403 29.59 5.95 -23.21
N VAL E 404 30.09 6.55 -24.29
CA VAL E 404 31.09 7.67 -24.22
C VAL E 404 30.52 8.73 -23.33
N ALA E 405 29.22 8.81 -23.28
CA ALA E 405 28.54 9.87 -22.55
C ALA E 405 28.67 9.67 -21.03
N THR E 406 28.37 8.48 -20.54
CA THR E 406 28.61 8.13 -19.12
C THR E 406 30.10 8.32 -18.74
N ALA E 407 31.03 7.80 -19.53
CA ALA E 407 32.48 7.92 -19.27
C ALA E 407 32.86 9.38 -19.04
N TYR E 408 32.33 10.32 -19.80
CA TYR E 408 32.86 11.70 -19.75
C TYR E 408 32.57 12.25 -18.37
N THR E 409 31.31 12.24 -17.95
CA THR E 409 30.88 12.86 -16.68
C THR E 409 31.59 12.21 -15.49
N LEU E 410 31.53 10.88 -15.39
CA LEU E 410 32.18 10.15 -14.29
C LEU E 410 33.70 10.37 -14.35
N GLY E 411 34.33 10.27 -15.52
CA GLY E 411 35.78 10.56 -15.69
C GLY E 411 36.13 11.95 -15.19
N MET E 412 35.34 12.97 -15.54
CA MET E 412 35.64 14.34 -15.11
C MET E 412 35.49 14.41 -13.62
N MET E 413 34.49 13.74 -13.03
CA MET E 413 34.35 13.73 -11.54
C MET E 413 35.58 13.08 -10.88
N LEU E 414 36.05 11.95 -11.39
CA LEU E 414 37.22 11.28 -10.77
C LEU E 414 38.54 11.99 -11.05
N SER E 415 38.59 13.11 -11.79
CA SER E 415 39.84 13.75 -12.27
C SER E 415 40.05 15.13 -11.66
N GLY E 416 39.02 15.67 -11.01
CA GLY E 416 38.95 17.07 -10.59
C GLY E 416 38.60 17.98 -11.75
N GLN E 417 37.80 17.50 -12.69
CA GLN E 417 37.30 18.34 -13.81
C GLN E 417 38.51 18.80 -14.63
N ASN E 418 39.39 17.85 -14.96
CA ASN E 418 40.63 18.05 -15.75
C ASN E 418 40.29 17.84 -17.24
N TYR E 419 39.99 18.91 -17.97
CA TYR E 419 39.37 18.77 -19.30
C TYR E 419 40.36 18.16 -20.24
N GLN E 420 41.56 18.74 -20.31
CA GLN E 420 42.65 18.22 -21.16
C GLN E 420 42.81 16.70 -20.99
N LEU E 421 43.01 16.17 -19.77
CA LEU E 421 43.19 14.70 -19.58
C LEU E 421 42.00 13.92 -20.13
N VAL E 422 40.80 14.18 -19.64
CA VAL E 422 39.67 13.25 -19.91
C VAL E 422 39.34 13.27 -21.40
N SER E 423 39.30 14.45 -22.02
CA SER E 423 39.08 14.69 -23.48
C SER E 423 40.11 13.90 -24.29
N GLY E 424 41.38 14.10 -23.94
CA GLY E 424 42.51 13.35 -24.51
C GLY E 424 42.31 11.83 -24.49
N ILE E 425 41.78 11.26 -23.42
CA ILE E 425 41.68 9.79 -23.28
C ILE E 425 40.51 9.28 -24.11
N ILE E 426 39.43 10.03 -24.13
CA ILE E 426 38.18 9.53 -24.77
C ILE E 426 38.34 9.61 -26.29
N ARG E 427 39.18 10.51 -26.81
CA ARG E 427 39.41 10.60 -28.28
C ARG E 427 39.89 9.27 -28.86
N GLY E 428 40.34 8.35 -28.03
CA GLY E 428 40.82 7.01 -28.42
C GLY E 428 39.73 5.99 -28.46
N TYR E 429 38.55 6.25 -27.92
CA TYR E 429 37.48 5.23 -27.82
C TYR E 429 36.23 5.64 -28.62
N LEU E 430 36.24 6.80 -29.28
CA LEU E 430 35.05 7.20 -30.06
C LEU E 430 34.97 6.22 -31.23
N PRO E 431 33.75 5.85 -31.65
CA PRO E 431 33.55 4.80 -32.65
C PRO E 431 33.66 5.24 -34.14
N GLY E 432 34.90 5.26 -34.65
CA GLY E 432 35.22 5.41 -36.09
C GLY E 432 35.95 6.71 -36.41
N GLN E 433 36.76 6.71 -37.47
CA GLN E 433 37.71 7.83 -37.73
C GLN E 433 36.94 9.11 -37.99
N ALA E 434 35.74 9.00 -38.56
CA ALA E 434 34.98 10.16 -39.06
C ALA E 434 34.34 10.89 -37.90
N VAL E 435 33.77 10.16 -36.95
CA VAL E 435 33.27 10.72 -35.66
C VAL E 435 34.34 11.58 -34.98
N VAL E 436 35.56 11.06 -34.86
CA VAL E 436 36.67 11.70 -34.10
C VAL E 436 36.99 13.10 -34.65
N THR E 437 37.24 13.21 -35.95
CA THR E 437 37.63 14.51 -36.57
C THR E 437 36.40 15.42 -36.58
N ALA E 438 35.22 14.87 -36.84
CA ALA E 438 33.94 15.61 -36.76
C ALA E 438 33.79 16.36 -35.43
N LEU E 439 33.84 15.63 -34.32
CA LEU E 439 33.70 16.20 -32.96
C LEU E 439 34.77 17.27 -32.69
N GLN E 440 35.99 17.11 -33.22
CA GLN E 440 37.04 18.12 -32.94
C GLN E 440 36.73 19.44 -33.63
N GLN E 441 36.34 19.40 -34.89
CA GLN E 441 35.96 20.65 -35.60
C GLN E 441 34.98 21.43 -34.72
N ARG E 442 33.93 20.79 -34.20
CA ARG E 442 32.90 21.48 -33.37
C ARG E 442 33.55 22.10 -32.13
N LEU E 443 34.40 21.38 -31.39
CA LEU E 443 34.96 21.87 -30.08
C LEU E 443 35.99 22.94 -30.37
N ASP E 444 36.62 22.92 -31.55
CA ASP E 444 37.64 23.96 -31.91
C ASP E 444 37.01 25.31 -32.26
N GLN E 445 35.71 25.38 -32.54
CA GLN E 445 35.02 26.64 -32.87
C GLN E 445 34.41 27.25 -31.60
N GLU E 446 34.91 26.90 -30.41
CA GLU E 446 34.50 27.51 -29.12
C GLU E 446 35.62 28.42 -28.63
N ILE E 447 35.41 29.11 -27.51
CA ILE E 447 36.27 30.24 -27.04
C ILE E 447 37.40 29.74 -26.15
N ASP E 448 37.07 29.20 -24.97
CA ASP E 448 38.06 28.74 -23.95
C ASP E 448 37.81 27.27 -23.61
N ASP E 449 38.71 26.67 -22.83
CA ASP E 449 38.68 25.25 -22.41
C ASP E 449 37.65 25.06 -21.29
N GLN E 450 36.90 26.10 -20.96
CA GLN E 450 35.80 26.07 -19.97
C GLN E 450 34.49 25.77 -20.70
N THR E 451 34.28 26.43 -21.83
CA THR E 451 33.08 26.26 -22.67
C THR E 451 33.19 24.95 -23.43
N ARG E 452 34.41 24.58 -23.80
CA ARG E 452 34.70 23.25 -24.37
C ARG E 452 34.14 22.19 -23.43
N ALA E 453 34.18 22.41 -22.11
CA ALA E 453 33.79 21.42 -21.11
C ALA E 453 32.27 21.44 -20.94
N GLU E 454 31.64 22.60 -20.96
CA GLU E 454 30.16 22.69 -20.84
C GLU E 454 29.50 22.13 -22.10
N THR E 455 30.10 22.37 -23.28
CA THR E 455 29.46 22.03 -24.58
C THR E 455 30.12 20.80 -25.19
N PHE E 456 30.45 19.79 -24.39
CA PHE E 456 31.05 18.54 -24.92
C PHE E 456 29.94 17.53 -25.15
N ILE E 457 29.08 17.26 -24.17
CA ILE E 457 28.03 16.22 -24.34
C ILE E 457 27.06 16.65 -25.44
N GLN E 458 26.72 17.94 -25.48
CA GLN E 458 25.89 18.55 -26.54
C GLN E 458 26.41 18.13 -27.92
N HIS E 459 27.68 18.45 -28.22
CA HIS E 459 28.30 18.24 -29.55
C HIS E 459 28.43 16.75 -29.86
N LEU E 460 28.76 15.88 -28.89
CA LEU E 460 28.88 14.44 -29.19
C LEU E 460 27.52 13.88 -29.64
N ASN E 461 26.41 14.33 -29.05
CA ASN E 461 25.07 13.79 -29.41
C ASN E 461 24.64 14.30 -30.78
N ALA E 462 24.90 15.58 -31.07
CA ALA E 462 24.72 16.14 -32.42
C ALA E 462 25.46 15.26 -33.47
N VAL E 463 26.78 15.11 -33.35
CA VAL E 463 27.53 14.34 -34.36
C VAL E 463 26.94 12.95 -34.44
N TYR E 464 26.48 12.37 -33.35
CA TYR E 464 25.98 10.96 -33.42
C TYR E 464 24.67 10.89 -34.22
N GLU E 465 23.86 11.97 -34.19
CA GLU E 465 22.54 11.95 -34.88
C GLU E 465 22.75 11.84 -36.38
N ILE E 466 23.62 12.69 -36.90
CA ILE E 466 24.04 12.72 -38.33
C ILE E 466 24.36 11.32 -38.83
N LEU E 467 25.21 10.60 -38.15
CA LEU E 467 25.66 9.26 -38.59
C LEU E 467 24.65 8.20 -38.14
N GLY E 468 23.70 8.60 -37.26
CA GLY E 468 22.52 7.84 -36.83
C GLY E 468 22.91 6.66 -35.96
N LEU E 469 23.62 6.96 -34.87
CA LEU E 469 24.08 5.91 -33.92
C LEU E 469 23.28 6.09 -32.65
N ASN E 470 23.03 4.98 -31.96
CA ASN E 470 22.45 4.99 -30.59
C ASN E 470 23.55 5.38 -29.60
N ALA E 471 23.31 5.32 -28.28
CA ALA E 471 24.22 5.84 -27.23
C ALA E 471 25.53 5.09 -27.21
N ARG E 472 25.41 3.77 -27.37
CA ARG E 472 26.51 2.79 -27.21
C ARG E 472 27.31 2.71 -28.50
N GLY E 473 27.16 3.70 -29.40
CA GLY E 473 27.98 3.87 -30.61
C GLY E 473 27.60 2.88 -31.72
N GLN E 474 26.66 1.98 -31.48
CA GLN E 474 26.11 1.05 -32.49
C GLN E 474 25.08 1.81 -33.33
N SER E 475 24.73 1.28 -34.50
CA SER E 475 23.89 1.99 -35.49
C SER E 475 22.43 1.56 -35.35
N ILE E 476 21.49 2.48 -35.60
CA ILE E 476 20.03 2.26 -35.40
C ILE E 476 19.42 1.81 -36.77
N THR F 303 1.64 11.71 17.42
CA THR F 303 2.47 11.14 16.28
C THR F 303 1.82 9.86 15.77
N VAL F 304 2.22 9.39 14.57
CA VAL F 304 2.04 7.97 14.13
C VAL F 304 3.28 7.53 13.33
N ILE F 305 4.00 6.53 13.82
CA ILE F 305 5.18 5.95 13.12
C ILE F 305 4.68 5.10 11.96
N PRO F 306 5.37 5.15 10.79
CA PRO F 306 5.18 4.19 9.69
C PRO F 306 5.66 2.73 9.74
N ILE F 307 5.43 1.99 10.83
CA ILE F 307 6.26 0.78 11.15
C ILE F 307 6.19 -0.27 10.03
N GLN F 308 5.16 -0.22 9.17
CA GLN F 308 5.07 -1.13 8.00
C GLN F 308 6.25 -0.87 7.06
N HIS F 309 6.53 0.40 6.70
CA HIS F 309 7.65 0.80 5.79
C HIS F 309 9.00 0.51 6.44
N ILE F 310 9.23 1.02 7.64
CA ILE F 310 10.47 0.79 8.41
C ILE F 310 10.75 -0.71 8.61
N ARG F 311 9.78 -1.60 8.43
CA ARG F 311 10.04 -3.06 8.61
C ARG F 311 10.29 -3.68 7.25
N SER F 312 10.01 -2.98 6.16
CA SER F 312 10.36 -3.47 4.80
C SER F 312 11.84 -3.20 4.55
N VAL F 313 12.31 -2.02 4.98
CA VAL F 313 13.70 -1.54 4.73
C VAL F 313 14.66 -2.43 5.49
N THR F 314 14.32 -2.77 6.72
CA THR F 314 15.21 -3.45 7.71
C THR F 314 15.18 -4.96 7.48
N GLY F 315 13.97 -5.50 7.36
CA GLY F 315 13.72 -6.93 7.17
C GLY F 315 13.23 -7.55 8.46
N GLU F 316 13.50 -8.84 8.62
CA GLU F 316 13.04 -9.62 9.80
C GLU F 316 14.25 -9.84 10.69
N PRO F 317 14.24 -9.40 11.97
CA PRO F 317 15.38 -9.58 12.84
C PRO F 317 15.79 -11.06 12.96
N PRO F 318 17.04 -11.34 13.37
CA PRO F 318 17.50 -12.70 13.51
C PRO F 318 16.83 -13.39 14.71
N ARG F 319 17.11 -14.68 14.90
CA ARG F 319 16.44 -15.51 15.94
C ARG F 319 17.37 -15.60 17.16
N ASN F 320 18.56 -16.20 17.02
CA ASN F 320 19.59 -16.24 18.09
C ASN F 320 19.78 -14.82 18.61
N PRO F 321 19.45 -14.50 19.88
CA PRO F 321 19.42 -13.10 20.32
C PRO F 321 20.79 -12.48 20.62
N ARG F 322 21.90 -13.20 20.37
CA ARG F 322 23.28 -12.66 20.46
C ARG F 322 23.65 -11.98 19.14
N GLU F 323 22.79 -12.07 18.13
CA GLU F 323 23.02 -11.46 16.80
C GLU F 323 22.12 -10.23 16.66
N ILE F 324 21.25 -9.95 17.61
CA ILE F 324 20.40 -8.74 17.54
C ILE F 324 21.21 -7.48 17.71
N PRO F 325 22.16 -7.33 18.65
CA PRO F 325 22.80 -6.03 18.86
C PRO F 325 23.44 -5.52 17.55
N ILE F 326 24.13 -6.39 16.81
CA ILE F 326 24.91 -5.98 15.61
C ILE F 326 23.92 -5.69 14.48
N TRP F 327 22.91 -6.52 14.33
CA TRP F 327 21.88 -6.37 13.27
C TRP F 327 21.29 -4.97 13.34
N LEU F 328 21.17 -4.40 14.54
CA LEU F 328 20.48 -3.11 14.77
C LEU F 328 21.48 -1.99 14.50
N GLY F 329 22.76 -2.29 14.52
CA GLY F 329 23.82 -1.32 14.22
C GLY F 329 24.03 -1.09 12.73
N ARG F 330 23.93 -2.15 11.94
CA ARG F 330 23.92 -2.07 10.47
C ARG F 330 22.63 -1.47 9.91
N ASN F 331 21.58 -1.29 10.71
CA ASN F 331 20.26 -0.97 10.12
C ASN F 331 19.78 0.39 10.59
N ALA F 332 20.63 1.11 11.34
CA ALA F 332 20.35 2.42 11.92
C ALA F 332 20.26 3.47 10.83
N PRO F 333 21.27 3.60 9.93
CA PRO F 333 21.25 4.67 8.93
C PRO F 333 20.05 4.58 7.96
N ALA F 334 19.56 3.36 7.65
CA ALA F 334 18.36 3.16 6.80
C ALA F 334 17.06 3.52 7.58
N ILE F 335 16.88 3.06 8.82
CA ILE F 335 15.77 3.48 9.74
C ILE F 335 15.77 5.01 9.89
N ASP F 336 16.92 5.64 10.05
CA ASP F 336 16.94 7.11 10.26
C ASP F 336 16.78 7.82 8.91
N GLY F 337 16.95 7.11 7.80
CA GLY F 337 16.64 7.63 6.46
C GLY F 337 15.16 7.79 6.26
N VAL F 338 14.45 6.68 6.42
CA VAL F 338 12.99 6.54 6.16
C VAL F 338 12.26 7.61 6.99
N PHE F 339 12.50 7.58 8.29
CA PHE F 339 11.83 8.42 9.28
C PHE F 339 12.89 9.13 10.10
N PRO F 340 12.80 10.46 10.30
CA PRO F 340 13.79 11.17 11.13
C PRO F 340 13.46 11.07 12.63
N VAL F 341 13.94 10.00 13.25
CA VAL F 341 13.88 9.77 14.72
C VAL F 341 14.61 10.93 15.40
N THR F 342 13.93 11.69 16.25
CA THR F 342 14.50 12.86 16.95
C THR F 342 14.56 12.57 18.47
N THR F 343 13.41 12.64 19.14
CA THR F 343 13.24 12.46 20.61
C THR F 343 13.65 11.04 21.02
N PRO F 344 14.27 10.87 22.20
CA PRO F 344 14.50 9.55 22.77
C PRO F 344 13.27 8.63 22.90
N ASP F 345 12.12 9.22 23.20
CA ASP F 345 10.80 8.52 23.24
C ASP F 345 10.58 7.77 21.92
N LEU F 346 10.68 8.47 20.78
CA LEU F 346 10.42 7.88 19.45
C LEU F 346 11.38 6.72 19.19
N ARG F 347 12.65 6.89 19.54
CA ARG F 347 13.65 5.82 19.30
C ARG F 347 13.18 4.55 20.02
N CYS F 348 12.76 4.69 21.28
CA CYS F 348 12.26 3.57 22.12
C CYS F 348 11.10 2.86 21.41
N ARG F 349 10.08 3.60 21.00
CA ARG F 349 8.90 3.05 20.28
C ARG F 349 9.38 2.28 19.05
N ILE F 350 10.21 2.92 18.22
CA ILE F 350 10.63 2.27 16.94
C ILE F 350 11.43 0.99 17.25
N ILE F 351 12.33 0.99 18.25
CA ILE F 351 13.07 -0.26 18.62
C ILE F 351 12.08 -1.30 19.16
N ASN F 352 11.16 -0.93 20.05
CA ASN F 352 10.29 -1.94 20.73
C ASN F 352 9.31 -2.57 19.75
N ALA F 353 8.96 -1.87 18.66
CA ALA F 353 8.09 -2.41 17.59
C ALA F 353 8.85 -3.46 16.74
N ILE F 354 10.06 -3.13 16.29
CA ILE F 354 10.81 -4.00 15.32
C ILE F 354 11.13 -5.35 15.95
N LEU F 355 11.59 -5.40 17.20
CA LEU F 355 11.87 -6.69 17.85
C LEU F 355 10.52 -7.43 18.03
N GLY F 356 9.39 -6.72 18.24
CA GLY F 356 7.99 -7.19 18.03
C GLY F 356 7.63 -8.48 18.74
N GLY F 357 7.77 -8.51 20.07
CA GLY F 357 7.34 -9.65 20.90
C GLY F 357 8.51 -10.36 21.59
N ASN F 358 9.74 -9.89 21.42
CA ASN F 358 10.90 -10.40 22.19
C ASN F 358 11.01 -9.60 23.49
N ILE F 359 10.10 -9.86 24.44
CA ILE F 359 10.19 -9.32 25.83
C ILE F 359 11.48 -9.88 26.45
N GLY F 360 12.30 -8.99 27.01
CA GLY F 360 13.66 -9.27 27.50
C GLY F 360 14.67 -8.30 26.93
N LEU F 361 14.47 -7.88 25.68
CA LEU F 361 15.33 -6.89 24.98
C LEU F 361 14.50 -5.64 24.74
N SER F 362 13.68 -5.26 25.72
CA SER F 362 12.74 -4.11 25.63
C SER F 362 13.39 -2.92 26.34
N LEU F 363 13.71 -1.86 25.62
CA LEU F 363 14.38 -0.67 26.22
C LEU F 363 13.30 0.31 26.68
N THR F 364 13.59 1.04 27.77
CA THR F 364 12.84 2.25 28.24
C THR F 364 13.44 3.49 27.57
N PRO F 365 12.85 4.70 27.68
CA PRO F 365 13.46 5.91 27.12
C PRO F 365 14.64 6.51 27.89
N GLY F 366 15.32 5.71 28.72
CA GLY F 366 16.56 6.08 29.42
C GLY F 366 17.79 5.44 28.82
N ASP F 367 17.61 4.52 27.89
CA ASP F 367 18.69 3.72 27.25
C ASP F 367 18.82 4.16 25.80
N CYS F 368 18.22 5.30 25.44
CA CYS F 368 17.84 5.62 24.04
C CYS F 368 18.04 7.10 23.77
N LEU F 369 19.15 7.70 24.17
CA LEU F 369 19.51 9.07 23.73
C LEU F 369 19.87 9.02 22.24
N THR F 370 20.95 8.33 21.89
CA THR F 370 21.42 8.15 20.49
C THR F 370 21.36 6.68 20.13
N TRP F 371 21.50 6.34 18.85
CA TRP F 371 21.38 4.94 18.37
C TRP F 371 22.47 4.05 19.00
N ASP F 372 23.67 4.60 19.17
CA ASP F 372 24.82 3.81 19.66
C ASP F 372 24.59 3.40 21.12
N SER F 373 23.94 4.25 21.94
CA SER F 373 23.65 3.94 23.37
C SER F 373 22.72 2.74 23.47
N ALA F 374 21.69 2.70 22.61
CA ALA F 374 20.72 1.58 22.54
C ALA F 374 21.45 0.29 22.16
N VAL F 375 22.34 0.33 21.17
CA VAL F 375 23.00 -0.90 20.68
C VAL F 375 23.94 -1.43 21.75
N ALA F 376 24.55 -0.54 22.51
CA ALA F 376 25.49 -0.90 23.62
C ALA F 376 24.74 -1.67 24.69
N THR F 377 23.53 -1.19 25.01
CA THR F 377 22.62 -1.78 26.02
C THR F 377 22.40 -3.24 25.65
N LEU F 378 21.89 -3.42 24.45
CA LEU F 378 21.52 -4.78 23.96
C LEU F 378 22.77 -5.68 23.91
N PHE F 379 23.98 -5.12 23.76
CA PHE F 379 25.21 -5.95 23.74
C PHE F 379 25.43 -6.50 25.15
N ILE F 380 25.27 -5.63 26.15
CA ILE F 380 25.51 -6.00 27.58
C ILE F 380 24.45 -7.02 28.01
N ARG F 381 23.20 -6.79 27.62
CA ARG F 381 22.08 -7.70 28.01
C ARG F 381 22.23 -9.07 27.36
N THR F 382 23.13 -9.27 26.41
CA THR F 382 23.24 -10.58 25.71
C THR F 382 24.65 -11.16 25.83
N HIS F 383 25.63 -10.37 26.27
CA HIS F 383 27.05 -10.81 26.32
C HIS F 383 27.65 -10.63 27.72
N GLY F 384 27.14 -9.68 28.54
CA GLY F 384 27.71 -9.45 29.88
C GLY F 384 28.45 -8.12 29.97
N THR F 385 29.26 -7.96 31.02
CA THR F 385 29.64 -6.63 31.56
C THR F 385 30.95 -6.13 30.97
N PHE F 386 31.99 -6.96 30.98
CA PHE F 386 33.29 -6.69 30.31
C PHE F 386 33.51 -7.78 29.27
N PRO F 387 32.79 -7.69 28.13
CA PRO F 387 32.86 -8.73 27.10
C PRO F 387 34.08 -8.54 26.20
N MET F 388 35.27 -8.69 26.76
CA MET F 388 36.52 -8.17 26.14
C MET F 388 37.28 -9.30 25.47
N HIS F 389 36.73 -10.50 25.46
CA HIS F 389 37.19 -11.58 24.54
C HIS F 389 36.19 -11.68 23.38
N GLN F 390 34.90 -11.58 23.69
CA GLN F 390 33.82 -11.65 22.67
C GLN F 390 33.92 -10.44 21.74
N LEU F 391 34.15 -9.23 22.27
CA LEU F 391 34.30 -8.01 21.41
C LEU F 391 35.44 -8.25 20.42
N GLY F 392 36.56 -8.75 20.97
CA GLY F 392 37.67 -9.42 20.24
C GLY F 392 37.14 -10.20 19.07
N ASN F 393 36.32 -11.22 19.30
CA ASN F 393 35.97 -12.17 18.22
C ASN F 393 34.94 -11.58 17.25
N VAL F 394 33.96 -10.80 17.73
CA VAL F 394 33.09 -10.01 16.82
C VAL F 394 34.00 -9.27 15.82
N ILE F 395 34.93 -8.46 16.34
CA ILE F 395 35.69 -7.50 15.50
C ILE F 395 36.53 -8.30 14.52
N LYS F 396 37.24 -9.30 14.99
CA LYS F 396 38.09 -10.13 14.09
C LYS F 396 37.25 -10.62 12.91
N GLY F 397 36.07 -11.15 13.18
CA GLY F 397 35.20 -11.66 12.10
C GLY F 397 34.82 -10.59 11.10
N ILE F 398 34.42 -9.42 11.58
CA ILE F 398 34.03 -8.29 10.70
C ILE F 398 35.26 -7.87 9.89
N VAL F 399 36.43 -7.75 10.51
CA VAL F 399 37.64 -7.31 9.75
C VAL F 399 37.98 -8.30 8.65
N ASP F 400 37.71 -9.58 8.81
CA ASP F 400 38.16 -10.54 7.77
C ASP F 400 37.24 -10.44 6.55
N GLN F 401 35.97 -10.06 6.76
CA GLN F 401 34.93 -10.13 5.70
C GLN F 401 34.59 -8.77 5.14
N GLU F 402 34.82 -7.67 5.86
CA GLU F 402 34.37 -6.34 5.39
C GLU F 402 35.44 -5.25 5.46
N GLY F 403 36.58 -5.49 6.13
CA GLY F 403 37.68 -4.52 6.18
C GLY F 403 37.60 -3.58 7.38
N VAL F 404 38.73 -2.94 7.68
CA VAL F 404 38.96 -2.27 8.99
C VAL F 404 37.99 -1.11 9.20
N ALA F 405 37.61 -0.39 8.18
CA ALA F 405 36.72 0.76 8.41
C ALA F 405 35.31 0.31 8.87
N THR F 406 34.74 -0.75 8.30
CA THR F 406 33.38 -1.21 8.69
C THR F 406 33.44 -1.94 10.02
N ALA F 407 34.65 -2.28 10.49
CA ALA F 407 34.91 -2.92 11.80
C ALA F 407 34.93 -1.84 12.85
N TYR F 408 35.62 -0.75 12.58
CA TYR F 408 35.72 0.33 13.58
C TYR F 408 34.32 0.89 13.83
N THR F 409 33.54 1.17 12.81
CA THR F 409 32.22 1.78 13.07
C THR F 409 31.35 0.89 13.99
N LEU F 410 31.14 -0.38 13.62
CA LEU F 410 30.33 -1.30 14.43
C LEU F 410 31.00 -1.47 15.79
N GLY F 411 32.31 -1.78 15.85
CA GLY F 411 33.07 -1.94 17.12
C GLY F 411 32.83 -0.80 18.07
N MET F 412 33.01 0.43 17.62
CA MET F 412 32.76 1.62 18.47
C MET F 412 31.28 1.70 18.94
N MET F 413 30.29 1.22 18.18
CA MET F 413 28.88 1.25 18.67
C MET F 413 28.71 0.25 19.80
N LEU F 414 29.13 -1.00 19.58
CA LEU F 414 28.98 -2.08 20.57
C LEU F 414 29.61 -1.72 21.92
N SER F 415 30.85 -1.21 21.91
CA SER F 415 31.65 -0.83 23.12
C SER F 415 31.09 0.43 23.79
N GLY F 416 30.19 1.15 23.15
CA GLY F 416 29.74 2.43 23.68
C GLY F 416 30.83 3.49 23.58
N GLN F 417 31.44 3.62 22.39
CA GLN F 417 32.31 4.75 21.99
C GLN F 417 33.50 4.77 22.94
N ASN F 418 34.13 3.62 23.14
CA ASN F 418 35.29 3.47 24.03
C ASN F 418 36.54 3.46 23.13
N TYR F 419 37.01 4.65 22.72
CA TYR F 419 38.08 4.82 21.71
C TYR F 419 39.31 4.00 22.10
N GLN F 420 39.69 4.15 23.36
CA GLN F 420 40.92 3.53 23.92
C GLN F 420 40.89 2.02 23.80
N LEU F 421 39.71 1.38 23.74
CA LEU F 421 39.63 -0.11 23.74
C LEU F 421 39.56 -0.67 22.30
N VAL F 422 38.80 -0.02 21.39
CA VAL F 422 38.55 -0.53 20.01
C VAL F 422 39.80 -0.29 19.14
N SER F 423 40.44 0.88 19.29
CA SER F 423 41.74 1.19 18.64
C SER F 423 42.74 0.07 18.94
N GLY F 424 42.94 -0.23 20.22
CA GLY F 424 43.67 -1.40 20.74
C GLY F 424 43.44 -2.62 19.87
N ILE F 425 42.20 -3.05 19.68
CA ILE F 425 41.92 -4.38 19.08
C ILE F 425 42.35 -4.36 17.62
N ILE F 426 42.22 -3.21 16.95
CA ILE F 426 42.39 -3.09 15.49
C ILE F 426 43.88 -2.95 15.13
N ARG F 427 44.74 -2.43 16.02
CA ARG F 427 46.18 -2.32 15.69
C ARG F 427 46.71 -3.70 15.39
N GLY F 428 46.06 -4.73 15.90
CA GLY F 428 46.50 -6.11 15.61
C GLY F 428 46.04 -6.63 14.27
N TYR F 429 45.03 -6.05 13.64
CA TYR F 429 44.45 -6.62 12.41
C TYR F 429 44.78 -5.76 11.16
N LEU F 430 45.46 -4.63 11.34
CA LEU F 430 45.91 -3.85 10.18
C LEU F 430 46.86 -4.70 9.35
N PRO F 431 46.90 -4.48 8.02
CA PRO F 431 47.75 -5.25 7.11
C PRO F 431 49.26 -5.35 7.36
N GLY F 432 49.94 -4.24 7.57
CA GLY F 432 51.42 -4.26 7.57
C GLY F 432 52.00 -3.82 8.90
N GLN F 433 53.29 -4.07 9.12
CA GLN F 433 54.07 -3.36 10.18
C GLN F 433 54.09 -1.87 9.89
N ALA F 434 53.87 -1.50 8.64
CA ALA F 434 54.09 -0.13 8.15
C ALA F 434 52.79 0.59 7.91
N VAL F 435 51.66 -0.10 7.90
CA VAL F 435 50.33 0.55 7.98
C VAL F 435 50.18 0.99 9.42
N VAL F 436 50.53 0.12 10.37
CA VAL F 436 50.40 0.39 11.82
C VAL F 436 51.14 1.69 12.15
N THR F 437 52.40 1.71 11.79
CA THR F 437 53.26 2.82 12.20
C THR F 437 52.75 4.11 11.55
N ALA F 438 52.51 4.14 10.26
CA ALA F 438 51.99 5.34 9.59
C ALA F 438 50.67 5.77 10.21
N LEU F 439 49.74 4.85 10.44
CA LEU F 439 48.41 5.30 10.91
C LEU F 439 48.62 6.02 12.23
N GLN F 440 49.46 5.41 13.08
CA GLN F 440 49.64 5.91 14.47
C GLN F 440 50.22 7.32 14.49
N GLN F 441 51.25 7.61 13.71
CA GLN F 441 51.84 8.95 13.62
C GLN F 441 50.75 10.00 13.35
N ARG F 442 49.85 9.86 12.39
CA ARG F 442 48.88 10.94 12.09
C ARG F 442 47.89 11.14 13.26
N LEU F 443 47.47 10.07 13.95
CA LEU F 443 46.57 10.17 15.11
C LEU F 443 47.28 10.92 16.24
N ASP F 444 48.58 10.71 16.42
CA ASP F 444 49.35 11.35 17.52
C ASP F 444 49.44 12.85 17.31
N GLN F 445 49.37 13.35 16.08
CA GLN F 445 49.33 14.81 15.80
C GLN F 445 48.06 15.47 16.37
N GLU F 446 46.92 14.77 16.39
CA GLU F 446 45.62 15.35 16.85
C GLU F 446 45.68 15.65 18.35
N ILE F 447 44.96 16.68 18.82
CA ILE F 447 45.14 17.24 20.20
C ILE F 447 44.72 16.23 21.30
N ASP F 448 43.55 15.58 21.21
CA ASP F 448 43.02 14.76 22.34
C ASP F 448 42.37 13.48 21.81
N ASP F 449 41.86 12.63 22.71
CA ASP F 449 41.34 11.31 22.31
C ASP F 449 40.06 11.49 21.49
N GLN F 450 39.21 12.42 21.91
CA GLN F 450 37.92 12.66 21.23
C GLN F 450 38.22 13.03 19.77
N THR F 451 39.17 13.92 19.53
CA THR F 451 39.53 14.40 18.17
C THR F 451 39.95 13.22 17.30
N ARG F 452 40.75 12.31 17.85
CA ARG F 452 41.33 11.16 17.11
C ARG F 452 40.17 10.27 16.65
N ALA F 453 39.21 10.00 17.54
CA ALA F 453 38.06 9.13 17.23
C ALA F 453 37.30 9.70 16.05
N GLU F 454 37.12 11.02 16.00
CA GLU F 454 36.48 11.69 14.83
C GLU F 454 37.32 11.39 13.59
N THR F 455 38.60 11.75 13.61
CA THR F 455 39.49 11.74 12.43
C THR F 455 40.29 10.44 12.40
N PHE F 456 39.64 9.28 12.38
CA PHE F 456 40.34 7.97 12.42
C PHE F 456 40.16 7.30 11.06
N ILE F 457 38.91 7.12 10.60
CA ILE F 457 38.63 6.39 9.33
C ILE F 457 39.19 7.24 8.21
N GLN F 458 39.01 8.55 8.33
CA GLN F 458 39.69 9.55 7.45
C GLN F 458 41.17 9.18 7.27
N HIS F 459 41.93 9.23 8.33
CA HIS F 459 43.39 8.94 8.26
C HIS F 459 43.62 7.55 7.66
N LEU F 460 42.95 6.52 8.15
CA LEU F 460 43.20 5.15 7.65
C LEU F 460 43.15 5.16 6.13
N ASN F 461 42.18 5.88 5.57
CA ASN F 461 41.88 5.82 4.12
C ASN F 461 43.00 6.51 3.36
N ALA F 462 43.42 7.66 3.82
CA ALA F 462 44.64 8.33 3.29
C ALA F 462 45.87 7.38 3.22
N VAL F 463 46.22 6.74 4.32
CA VAL F 463 47.37 5.81 4.36
C VAL F 463 47.07 4.72 3.37
N TYR F 464 45.91 4.07 3.41
CA TYR F 464 45.74 2.98 2.41
C TYR F 464 46.02 3.47 0.98
N GLU F 465 45.48 4.65 0.64
CA GLU F 465 45.57 5.26 -0.72
C GLU F 465 47.02 5.20 -1.20
N ILE F 466 47.91 5.81 -0.45
CA ILE F 466 49.38 5.87 -0.68
C ILE F 466 49.96 4.49 -0.96
N LEU F 467 49.90 3.61 0.01
CA LEU F 467 50.43 2.24 -0.11
C LEU F 467 49.87 1.61 -1.37
N GLY F 468 48.57 1.72 -1.60
CA GLY F 468 47.95 1.27 -2.85
C GLY F 468 47.00 0.14 -2.60
N LEU F 469 46.38 0.09 -1.43
CA LEU F 469 45.41 -0.95 -1.02
C LEU F 469 44.00 -0.46 -1.24
N ASN F 470 43.02 -1.36 -1.17
CA ASN F 470 41.56 -1.02 -1.21
C ASN F 470 40.91 -1.30 0.15
N ALA F 471 39.61 -1.03 0.26
CA ALA F 471 38.78 -1.25 1.48
C ALA F 471 39.08 -2.61 2.14
N ARG F 472 39.08 -3.69 1.36
CA ARG F 472 39.21 -5.05 1.94
C ARG F 472 40.66 -5.40 2.23
N GLY F 473 41.59 -4.50 1.90
CA GLY F 473 42.99 -4.56 2.33
C GLY F 473 43.85 -5.44 1.43
N GLN F 474 43.63 -5.35 0.12
CA GLN F 474 44.38 -6.10 -0.92
C GLN F 474 44.84 -5.10 -1.99
N SER F 475 45.75 -5.55 -2.87
CA SER F 475 46.49 -4.67 -3.81
C SER F 475 45.67 -4.44 -5.09
N ILE F 476 45.49 -3.18 -5.46
CA ILE F 476 44.73 -2.79 -6.68
C ILE F 476 45.69 -2.57 -7.85
N ARG F 477 46.98 -2.34 -7.60
CA ARG F 477 48.05 -2.13 -8.64
C ARG F 477 48.06 -3.29 -9.64
#